data_7T6C
#
_entry.id   7T6C
#
_cell.length_a   104.046
_cell.length_b   169.328
_cell.length_c   129.970
_cell.angle_alpha   90.000
_cell.angle_beta   90.000
_cell.angle_gamma   90.000
#
_symmetry.space_group_name_H-M   'C 2 2 21'
#
loop_
_entity.id
_entity.type
_entity.pdbx_description
1 polymer 'Dihydroorotate dehydrogenase (quinone)'
2 non-polymer 2-{2-[2-(2-{2-[2-(2-ETHOXY-ETHOXY)-ETHOXY]-ETHOXY}-ETHOXY)-ETHOXY]-ETHOXY}-ETHANOL
3 non-polymer 'OROTIC ACID'
4 non-polymer 2,6-bis(chloranyl)-4-[(4-hydroxyphenyl)amino]phenol
5 non-polymer 'FLAVIN MONONUCLEOTIDE'
6 non-polymer GLYCEROL
7 water water
#
_entity_poly.entity_id   1
_entity_poly.type   'polypeptide(L)'
_entity_poly.pdbx_seq_one_letter_code
;HHHHHHSSGLVPRGSHMASMTGGQQMGRGSEFMYYPFVRKALFQLDPERAHEFTFQQLRRITGTPFEALVRQKVPAKPVN
CMGLTFKNPLGLAAGLDKDGECIDALGAMGFGSIEIGTVTPRPQPGNDKPRLFRLVDAEGLINRMGFNNLGVDNLVENVK
KAHYDGVLGINIGKNKDTPVEQGKDDYLICMEKIYAYAGYIAINISSPNTPGLRTLQYGEALDDLLTAIKNKQNDLQAMH
HKYVPIAVKIAPDLSEEELIQVADSLVRHNIDGVIATNTTLDRSLVQGMKNCDQTGGLSGRPLQLKSTEIIRRLSLELNG
RLPIIGVGGIDSVIAAREKIAAGASLVQIYSGFIFKGPPLIKEIVTHI
;
_entity_poly.pdbx_strand_id   A,B
#
loop_
_chem_comp.id
_chem_comp.type
_chem_comp.name
_chem_comp.formula
FMN non-polymer 'FLAVIN MONONUCLEOTIDE' 'C17 H21 N4 O9 P'
GOL non-polymer GLYCEROL 'C3 H8 O3'
ORO non-polymer 'OROTIC ACID' 'C5 H4 N2 O4'
PE4 non-polymer 2-{2-[2-(2-{2-[2-(2-ETHOXY-ETHOXY)-ETHOXY]-ETHOXY}-ETHOXY)-ETHOXY]-ETHOXY}-ETHANOL 'C16 H34 O8'
RLM non-polymer 2,6-bis(chloranyl)-4-[(4-hydroxyphenyl)amino]phenol 'C12 H9 Cl2 N O2'
#
# COMPACT_ATOMS: atom_id res chain seq x y z
N TYR A 34 -5.03 0.38 24.09
CA TYR A 34 -4.00 0.72 23.12
C TYR A 34 -3.47 -0.56 22.47
N TYR A 35 -3.76 -0.73 21.18
CA TYR A 35 -3.61 -2.03 20.55
C TYR A 35 -2.17 -2.53 20.48
N PRO A 36 -1.20 -1.69 20.10
CA PRO A 36 0.19 -2.19 19.97
C PRO A 36 0.67 -2.95 21.19
N PHE A 37 0.27 -2.53 22.39
CA PHE A 37 0.66 -3.26 23.60
C PHE A 37 -0.04 -4.60 23.66
N VAL A 38 -1.35 -4.63 23.36
CA VAL A 38 -2.07 -5.90 23.28
C VAL A 38 -1.44 -6.80 22.24
N ARG A 39 -1.15 -6.25 21.06
CA ARG A 39 -0.54 -7.04 20.00
C ARG A 39 0.75 -7.69 20.47
N LYS A 40 1.65 -6.90 21.07
CA LYS A 40 2.90 -7.44 21.56
C LYS A 40 2.67 -8.61 22.50
N ALA A 41 1.66 -8.52 23.36
CA ALA A 41 1.37 -9.59 24.29
C ALA A 41 0.85 -10.83 23.57
N LEU A 42 -0.16 -10.67 22.71
CA LEU A 42 -0.74 -11.81 22.02
C LEU A 42 0.25 -12.47 21.07
N PHE A 43 1.18 -11.69 20.51
CA PHE A 43 2.14 -12.25 19.56
C PHE A 43 3.15 -13.17 20.22
N GLN A 44 3.19 -13.23 21.55
CA GLN A 44 4.00 -14.25 22.22
C GLN A 44 3.39 -15.63 22.08
N LEU A 45 2.12 -15.72 21.70
CA LEU A 45 1.47 -16.98 21.36
C LEU A 45 1.56 -17.23 19.86
N ASP A 46 1.48 -18.50 19.48
CA ASP A 46 1.43 -18.85 18.05
C ASP A 46 0.09 -18.32 17.54
N PRO A 47 -0.03 -17.93 16.26
CA PRO A 47 -1.26 -17.32 15.76
C PRO A 47 -2.59 -18.02 16.08
N GLU A 48 -2.63 -19.35 16.05
CA GLU A 48 -3.90 -20.10 16.27
C GLU A 48 -4.24 -20.10 17.77
N ARG A 49 -3.23 -20.13 18.64
CA ARG A 49 -3.50 -20.11 20.09
C ARG A 49 -3.87 -18.68 20.48
N ALA A 50 -3.35 -17.70 19.77
CA ALA A 50 -3.69 -16.29 20.05
C ALA A 50 -5.16 -16.08 19.73
N HIS A 51 -5.61 -16.58 18.59
CA HIS A 51 -7.03 -16.46 18.17
C HIS A 51 -7.91 -17.18 19.18
N GLU A 52 -7.50 -18.36 19.61
CA GLU A 52 -8.29 -19.17 20.56
C GLU A 52 -8.36 -18.43 21.88
N PHE A 53 -7.25 -17.80 22.27
CA PHE A 53 -7.32 -17.03 23.51
C PHE A 53 -8.23 -15.82 23.36
N THR A 54 -8.10 -15.10 22.25
CA THR A 54 -8.94 -13.92 22.05
C THR A 54 -10.42 -14.29 22.00
N PHE A 55 -10.75 -15.36 21.27
CA PHE A 55 -12.15 -15.76 21.19
C PHE A 55 -12.70 -16.20 22.54
N GLN A 56 -11.84 -16.77 23.40
CA GLN A 56 -12.27 -17.08 24.75
C GLN A 56 -12.76 -15.84 25.47
N GLN A 57 -12.01 -14.75 25.37
CA GLN A 57 -12.41 -13.50 26.01
C GLN A 57 -13.71 -12.97 25.42
N LEU A 58 -13.79 -12.94 24.09
CA LEU A 58 -15.00 -12.40 23.45
C LEU A 58 -16.24 -13.18 23.85
N ARG A 59 -16.12 -14.50 23.97
CA ARG A 59 -17.24 -15.30 24.42
C ARG A 59 -17.62 -14.96 25.85
N ARG A 60 -16.62 -14.68 26.69
CA ARG A 60 -16.85 -14.42 28.11
C ARG A 60 -17.45 -13.04 28.37
N ILE A 61 -17.51 -12.17 27.36
CA ILE A 61 -18.11 -10.85 27.54
C ILE A 61 -19.35 -10.64 26.69
N THR A 62 -19.55 -11.42 25.63
CA THR A 62 -20.77 -11.30 24.84
C THR A 62 -21.98 -11.50 25.74
N GLY A 63 -22.84 -10.48 25.79
CA GLY A 63 -23.98 -10.49 26.68
C GLY A 63 -23.73 -9.91 28.05
N THR A 64 -22.49 -9.61 28.40
CA THR A 64 -22.14 -9.09 29.70
C THR A 64 -22.03 -7.57 29.67
N PRO A 65 -22.12 -6.92 30.83
CA PRO A 65 -21.82 -5.48 30.90
C PRO A 65 -20.38 -5.18 30.58
N PHE A 66 -19.52 -6.19 30.47
CA PHE A 66 -18.16 -6.02 29.96
C PHE A 66 -18.12 -6.03 28.44
N GLU A 67 -19.22 -6.39 27.77
CA GLU A 67 -19.25 -6.37 26.32
C GLU A 67 -19.00 -4.97 25.78
N ALA A 68 -19.33 -3.94 26.56
CA ALA A 68 -19.01 -2.58 26.16
C ALA A 68 -17.51 -2.35 26.09
N LEU A 69 -16.70 -3.24 26.67
CA LEU A 69 -15.26 -3.08 26.64
C LEU A 69 -14.72 -3.10 25.21
N VAL A 70 -15.42 -3.77 24.31
CA VAL A 70 -15.03 -3.83 22.91
C VAL A 70 -15.96 -3.03 22.00
N ARG A 71 -17.02 -2.46 22.55
CA ARG A 71 -17.89 -1.63 21.73
C ARG A 71 -17.14 -0.39 21.25
N GLN A 72 -17.38 -0.01 20.01
CA GLN A 72 -16.73 1.13 19.39
C GLN A 72 -17.77 2.01 18.73
N LYS A 73 -17.74 3.31 19.03
CA LYS A 73 -18.62 4.27 18.38
C LYS A 73 -18.02 4.62 17.02
N VAL A 74 -18.67 4.18 15.95
CA VAL A 74 -18.23 4.52 14.59
C VAL A 74 -19.35 5.30 13.91
N PRO A 75 -19.03 6.31 13.10
CA PRO A 75 -20.09 7.03 12.40
C PRO A 75 -20.85 6.11 11.47
N ALA A 76 -22.12 6.44 11.25
CA ALA A 76 -22.95 5.68 10.34
C ALA A 76 -22.63 6.06 8.90
N LYS A 77 -22.58 5.06 8.04
CA LYS A 77 -22.32 5.28 6.62
C LYS A 77 -23.03 4.19 5.81
N PRO A 78 -24.35 4.17 5.84
CA PRO A 78 -25.08 3.08 5.17
C PRO A 78 -24.82 3.07 3.67
N VAL A 79 -24.75 1.86 3.11
CA VAL A 79 -24.56 1.64 1.69
C VAL A 79 -25.46 0.50 1.26
N ASN A 80 -26.15 0.68 0.13
CA ASN A 80 -26.99 -0.36 -0.43
C ASN A 80 -26.17 -1.17 -1.43
N CYS A 81 -26.05 -2.47 -1.20
CA CYS A 81 -25.29 -3.35 -2.08
C CYS A 81 -25.93 -4.73 -2.07
N MET A 82 -26.26 -5.23 -3.26
CA MET A 82 -26.91 -6.53 -3.42
C MET A 82 -28.32 -6.52 -2.85
N GLY A 83 -29.02 -5.38 -2.94
CA GLY A 83 -30.32 -5.24 -2.32
C GLY A 83 -30.30 -5.16 -0.80
N LEU A 84 -29.15 -5.34 -0.18
CA LEU A 84 -29.01 -5.19 1.26
C LEU A 84 -28.54 -3.78 1.60
N THR A 85 -28.82 -3.36 2.83
CA THR A 85 -28.38 -2.07 3.34
C THR A 85 -27.38 -2.32 4.46
N PHE A 86 -26.12 -1.98 4.22
CA PHE A 86 -25.05 -2.23 5.18
C PHE A 86 -24.88 -1.02 6.08
N LYS A 87 -24.70 -1.28 7.38
CA LYS A 87 -24.42 -0.22 8.34
C LYS A 87 -23.38 0.75 7.78
N ASN A 88 -22.22 0.22 7.40
CA ASN A 88 -21.13 0.95 6.78
C ASN A 88 -20.47 0.02 5.77
N PRO A 89 -19.50 0.48 4.99
CA PRO A 89 -18.91 -0.35 3.94
C PRO A 89 -17.78 -1.27 4.38
N LEU A 90 -17.50 -1.39 5.68
CA LEU A 90 -16.41 -2.22 6.17
C LEU A 90 -16.98 -3.47 6.82
N GLY A 91 -16.63 -4.62 6.26
CA GLY A 91 -17.05 -5.89 6.84
C GLY A 91 -15.88 -6.73 7.32
N LEU A 92 -16.14 -7.64 8.24
CA LEU A 92 -15.13 -8.58 8.71
C LEU A 92 -15.09 -9.77 7.76
N ALA A 93 -13.96 -9.98 7.10
CA ALA A 93 -13.83 -11.08 6.15
C ALA A 93 -14.02 -12.43 6.85
N ALA A 94 -14.34 -13.44 6.04
CA ALA A 94 -14.56 -14.77 6.59
C ALA A 94 -13.23 -15.39 7.01
N GLY A 95 -13.32 -16.34 7.94
CA GLY A 95 -12.17 -17.06 8.45
C GLY A 95 -11.79 -16.73 9.87
N LEU A 96 -12.24 -15.57 10.38
CA LEU A 96 -11.98 -15.25 11.78
C LEU A 96 -12.97 -15.95 12.69
N ASP A 97 -14.27 -15.83 12.39
CA ASP A 97 -15.32 -16.52 13.12
C ASP A 97 -15.87 -17.61 12.21
N LYS A 98 -15.15 -18.72 12.15
CA LYS A 98 -15.51 -19.79 11.23
C LYS A 98 -16.84 -20.45 11.58
N ASP A 99 -17.18 -20.50 12.88
CA ASP A 99 -18.40 -21.13 13.33
C ASP A 99 -19.46 -20.13 13.80
N GLY A 100 -19.17 -18.84 13.72
CA GLY A 100 -20.16 -17.83 14.09
C GLY A 100 -20.48 -17.76 15.56
N GLU A 101 -19.50 -18.00 16.43
CA GLU A 101 -19.72 -18.02 17.87
C GLU A 101 -19.39 -16.70 18.55
N CYS A 102 -19.03 -15.66 17.79
CA CYS A 102 -18.70 -14.37 18.37
C CYS A 102 -19.30 -13.22 17.56
N ILE A 103 -20.45 -13.45 16.92
CA ILE A 103 -21.05 -12.44 16.05
C ILE A 103 -21.30 -11.16 16.82
N ASP A 104 -21.90 -11.28 18.01
CA ASP A 104 -22.31 -10.10 18.76
C ASP A 104 -21.11 -9.25 19.18
N ALA A 105 -20.09 -9.89 19.72
CA ALA A 105 -18.91 -9.13 20.18
C ALA A 105 -18.17 -8.51 19.00
N LEU A 106 -17.98 -9.26 17.93
CA LEU A 106 -17.32 -8.71 16.75
C LEU A 106 -18.16 -7.62 16.09
N GLY A 107 -19.49 -7.73 16.17
CA GLY A 107 -20.34 -6.70 15.63
C GLY A 107 -20.28 -5.40 16.42
N ALA A 108 -20.02 -5.50 17.72
CA ALA A 108 -19.93 -4.31 18.56
C ALA A 108 -18.72 -3.46 18.24
N MET A 109 -17.75 -4.01 17.52
CA MET A 109 -16.50 -3.29 17.23
C MET A 109 -16.65 -2.29 16.08
N GLY A 110 -17.82 -2.20 15.45
CA GLY A 110 -18.09 -1.21 14.43
C GLY A 110 -18.26 -1.74 13.03
N PHE A 111 -18.08 -3.05 12.83
CA PHE A 111 -18.19 -3.61 11.48
C PHE A 111 -19.58 -3.36 10.91
N GLY A 112 -19.61 -2.93 9.64
CA GLY A 112 -20.89 -2.81 8.95
C GLY A 112 -21.51 -4.14 8.58
N SER A 113 -20.69 -5.18 8.47
CA SER A 113 -21.18 -6.53 8.21
C SER A 113 -20.17 -7.52 8.78
N ILE A 114 -20.66 -8.72 9.09
CA ILE A 114 -19.84 -9.82 9.58
C ILE A 114 -20.06 -11.01 8.68
N GLU A 115 -18.96 -11.59 8.19
CA GLU A 115 -19.01 -12.79 7.37
C GLU A 115 -18.43 -13.95 8.17
N ILE A 116 -19.29 -14.94 8.47
CA ILE A 116 -18.88 -16.11 9.22
C ILE A 116 -18.69 -17.26 8.24
N GLY A 117 -17.97 -18.29 8.68
CA GLY A 117 -17.44 -19.31 7.80
C GLY A 117 -15.95 -19.15 7.60
N THR A 118 -15.42 -19.97 6.70
CA THR A 118 -16.19 -20.92 5.90
C THR A 118 -16.67 -22.12 6.71
N VAL A 119 -17.89 -22.57 6.42
CA VAL A 119 -18.47 -23.75 7.04
C VAL A 119 -18.75 -24.77 5.95
N THR A 120 -18.63 -26.04 6.30
CA THR A 120 -18.95 -27.14 5.41
C THR A 120 -20.18 -27.89 5.93
N PRO A 121 -20.80 -28.72 5.10
CA PRO A 121 -21.97 -29.49 5.56
C PRO A 121 -21.67 -30.28 6.82
N ARG A 122 -20.68 -31.17 6.74
CA ARG A 122 -20.23 -31.92 7.90
C ARG A 122 -19.03 -31.24 8.55
N PRO A 123 -18.90 -31.31 9.87
CA PRO A 123 -17.68 -30.80 10.50
C PRO A 123 -16.46 -31.58 10.04
N GLN A 124 -15.30 -30.93 10.10
CA GLN A 124 -14.05 -31.56 9.73
C GLN A 124 -12.92 -30.83 10.43
N PRO A 125 -11.80 -31.52 10.71
CA PRO A 125 -10.76 -30.91 11.54
C PRO A 125 -9.87 -29.93 10.80
N GLY A 126 -9.82 -29.98 9.48
CA GLY A 126 -8.88 -29.18 8.74
C GLY A 126 -7.48 -29.78 8.78
N ASN A 127 -6.53 -29.02 8.26
CA ASN A 127 -5.17 -29.53 8.11
C ASN A 127 -4.45 -29.60 9.46
N ASP A 128 -3.29 -30.24 9.44
CA ASP A 128 -2.51 -30.45 10.64
C ASP A 128 -1.90 -29.14 11.13
N LYS A 129 -1.75 -29.05 12.43
CA LYS A 129 -1.03 -27.90 12.97
C LYS A 129 0.46 -28.19 13.04
N PRO A 130 1.32 -27.17 12.89
CA PRO A 130 0.91 -25.78 12.69
C PRO A 130 0.43 -25.52 11.27
N ARG A 131 -0.60 -24.68 11.14
CA ARG A 131 -1.20 -24.36 9.85
C ARG A 131 -1.45 -22.86 9.68
N LEU A 132 -0.86 -22.04 10.54
CA LEU A 132 -1.05 -20.60 10.50
C LEU A 132 0.23 -19.94 10.99
N PHE A 133 0.72 -18.95 10.24
CA PHE A 133 2.03 -18.38 10.49
C PHE A 133 2.01 -16.88 10.27
N ARG A 134 2.69 -16.15 11.15
CA ARG A 134 2.81 -14.70 11.03
C ARG A 134 4.07 -14.34 10.26
N LEU A 135 3.97 -13.33 9.41
CA LEU A 135 5.10 -12.66 8.79
C LEU A 135 5.07 -11.22 9.29
N VAL A 136 5.59 -11.02 10.51
CA VAL A 136 5.33 -9.78 11.24
C VAL A 136 5.95 -8.58 10.51
N ASP A 137 7.15 -8.75 9.94
CA ASP A 137 7.77 -7.64 9.23
C ASP A 137 7.00 -7.29 7.97
N ALA A 138 6.34 -8.27 7.35
CA ALA A 138 5.48 -8.02 6.20
C ALA A 138 4.06 -7.65 6.60
N GLU A 139 3.72 -7.75 7.89
CA GLU A 139 2.36 -7.55 8.36
C GLU A 139 1.39 -8.39 7.53
N GLY A 140 1.79 -9.65 7.34
CA GLY A 140 0.95 -10.60 6.59
C GLY A 140 0.88 -11.93 7.29
N LEU A 141 0.00 -12.81 6.81
CA LEU A 141 -0.15 -14.15 7.41
C LEU A 141 -0.13 -15.20 6.30
N ILE A 142 0.21 -16.44 6.64
CA ILE A 142 0.15 -17.57 5.67
C ILE A 142 -0.68 -18.64 6.37
N ASN A 143 -1.63 -19.24 5.66
CA ASN A 143 -2.54 -20.19 6.35
C ASN A 143 -2.89 -21.38 5.47
N ARG A 144 -3.00 -22.55 6.09
CA ARG A 144 -3.43 -23.79 5.40
C ARG A 144 -4.43 -24.44 6.35
N MET A 145 -5.44 -23.69 6.76
CA MET A 145 -6.41 -24.17 7.79
C MET A 145 -7.14 -25.45 7.36
N GLY A 146 -7.56 -25.55 6.11
CA GLY A 146 -8.31 -26.71 5.59
C GLY A 146 -9.79 -26.70 5.89
N PHE A 147 -10.41 -25.51 6.04
CA PHE A 147 -11.82 -25.43 6.41
C PHE A 147 -12.07 -26.08 7.76
N ASN A 148 -11.27 -25.72 8.76
CA ASN A 148 -11.50 -26.24 10.10
C ASN A 148 -12.79 -25.63 10.64
N ASN A 149 -13.83 -26.45 10.82
CA ASN A 149 -15.11 -25.92 11.25
C ASN A 149 -15.96 -27.04 11.82
N LEU A 150 -17.03 -26.65 12.51
CA LEU A 150 -17.89 -27.56 13.25
C LEU A 150 -19.16 -27.95 12.50
N GLY A 151 -19.25 -27.62 11.21
CA GLY A 151 -20.41 -27.99 10.43
C GLY A 151 -21.46 -26.90 10.37
N VAL A 152 -22.29 -26.96 9.33
CA VAL A 152 -23.24 -25.89 9.06
C VAL A 152 -24.33 -25.86 10.13
N ASP A 153 -24.79 -27.04 10.58
CA ASP A 153 -25.84 -27.08 11.57
C ASP A 153 -25.45 -26.30 12.83
N ASN A 154 -24.22 -26.51 13.31
CA ASN A 154 -23.77 -25.80 14.50
C ASN A 154 -23.74 -24.29 14.25
N LEU A 155 -23.28 -23.87 13.07
CA LEU A 155 -23.27 -22.46 12.75
C LEU A 155 -24.68 -21.86 12.81
N VAL A 156 -25.66 -22.59 12.26
CA VAL A 156 -27.03 -22.11 12.28
C VAL A 156 -27.51 -21.88 13.71
N GLU A 157 -27.16 -22.81 14.62
CA GLU A 157 -27.55 -22.64 16.02
C GLU A 157 -26.88 -21.42 16.64
N ASN A 158 -25.60 -21.20 16.33
CA ASN A 158 -24.93 -19.99 16.81
C ASN A 158 -25.62 -18.75 16.26
N VAL A 159 -25.99 -18.76 14.98
CA VAL A 159 -26.60 -17.59 14.37
C VAL A 159 -27.96 -17.31 15.01
N LYS A 160 -28.70 -18.35 15.36
CA LYS A 160 -30.02 -18.16 15.98
C LYS A 160 -29.94 -17.41 17.30
N LYS A 161 -28.77 -17.39 17.94
CA LYS A 161 -28.60 -16.74 19.23
C LYS A 161 -27.95 -15.36 19.11
N ALA A 162 -27.69 -14.88 17.90
CA ALA A 162 -27.02 -13.62 17.70
C ALA A 162 -28.00 -12.46 17.68
N HIS A 163 -27.50 -11.27 18.04
CA HIS A 163 -28.31 -10.05 18.05
C HIS A 163 -27.74 -8.98 17.12
N TYR A 164 -26.75 -9.33 16.31
CA TYR A 164 -26.14 -8.38 15.39
C TYR A 164 -27.19 -7.69 14.53
N ASP A 165 -27.12 -6.36 14.46
CA ASP A 165 -28.07 -5.59 13.68
C ASP A 165 -27.60 -5.34 12.25
N GLY A 166 -26.32 -5.55 11.97
CA GLY A 166 -25.79 -5.35 10.63
C GLY A 166 -26.07 -6.52 9.72
N VAL A 167 -25.33 -6.56 8.61
CA VAL A 167 -25.48 -7.61 7.61
C VAL A 167 -24.65 -8.81 8.02
N LEU A 168 -25.24 -10.00 7.94
CA LEU A 168 -24.55 -11.24 8.27
C LEU A 168 -24.29 -12.01 6.98
N GLY A 169 -23.03 -12.11 6.59
CA GLY A 169 -22.63 -12.99 5.52
C GLY A 169 -22.30 -14.37 6.08
N ILE A 170 -22.66 -15.41 5.32
CA ILE A 170 -22.42 -16.78 5.71
C ILE A 170 -21.66 -17.46 4.58
N ASN A 171 -20.43 -17.86 4.86
CA ASN A 171 -19.49 -18.36 3.85
C ASN A 171 -19.46 -19.88 3.92
N ILE A 172 -19.77 -20.54 2.81
CA ILE A 172 -19.87 -21.98 2.77
C ILE A 172 -18.88 -22.53 1.75
N GLY A 173 -18.46 -23.77 1.98
CA GLY A 173 -17.50 -24.43 1.13
C GLY A 173 -17.74 -25.93 1.10
N LYS A 174 -16.84 -26.64 0.43
CA LYS A 174 -16.96 -28.08 0.24
C LYS A 174 -16.15 -28.84 1.29
N ASN A 175 -16.72 -29.95 1.75
CA ASN A 175 -15.98 -30.86 2.64
C ASN A 175 -14.80 -31.46 1.88
N LYS A 176 -13.73 -31.76 2.62
CA LYS A 176 -12.53 -32.28 1.98
C LYS A 176 -12.82 -33.58 1.24
N ASP A 177 -13.58 -34.48 1.86
CA ASP A 177 -13.80 -35.80 1.27
C ASP A 177 -14.74 -35.79 0.08
N THR A 178 -15.57 -34.76 -0.05
CA THR A 178 -16.48 -34.69 -1.19
C THR A 178 -15.69 -34.60 -2.48
N PRO A 179 -16.02 -35.36 -3.56
CA PRO A 179 -15.34 -35.19 -4.84
C PRO A 179 -15.53 -33.79 -5.40
N VAL A 180 -14.54 -33.28 -6.12
CA VAL A 180 -14.60 -31.89 -6.68
C VAL A 180 -15.80 -31.74 -7.60
N GLU A 181 -16.04 -32.71 -8.47
CA GLU A 181 -17.14 -32.61 -9.46
C GLU A 181 -18.51 -32.69 -8.76
N GLN A 182 -18.54 -33.15 -7.52
CA GLN A 182 -19.81 -33.25 -6.76
C GLN A 182 -19.83 -32.16 -5.69
N GLY A 183 -18.91 -31.20 -5.75
CA GLY A 183 -18.81 -30.15 -4.72
C GLY A 183 -20.07 -29.32 -4.61
N LYS A 184 -20.73 -29.05 -5.73
CA LYS A 184 -22.00 -28.29 -5.74
C LYS A 184 -22.94 -28.80 -4.66
N ASP A 185 -23.03 -30.11 -4.50
CA ASP A 185 -23.97 -30.71 -3.53
C ASP A 185 -23.73 -30.11 -2.14
N ASP A 186 -22.47 -29.96 -1.75
CA ASP A 186 -22.14 -29.45 -0.40
C ASP A 186 -22.64 -28.01 -0.25
N TYR A 187 -22.41 -27.18 -1.25
CA TYR A 187 -22.93 -25.80 -1.21
C TYR A 187 -24.45 -25.84 -1.11
N LEU A 188 -25.11 -26.58 -1.98
CA LEU A 188 -26.59 -26.64 -2.01
C LEU A 188 -27.13 -27.11 -0.64
N ILE A 189 -26.49 -28.10 -0.04
CA ILE A 189 -26.91 -28.59 1.31
C ILE A 189 -26.86 -27.41 2.28
N CYS A 190 -25.72 -26.72 2.34
CA CYS A 190 -25.55 -25.61 3.30
C CYS A 190 -26.56 -24.50 2.99
N MET A 191 -26.73 -24.17 1.71
CA MET A 191 -27.67 -23.09 1.31
C MET A 191 -29.04 -23.34 1.92
N GLU A 192 -29.50 -24.59 1.92
CA GLU A 192 -30.85 -24.93 2.43
C GLU A 192 -30.91 -24.67 3.92
N LYS A 193 -29.84 -24.95 4.66
CA LYS A 193 -29.86 -24.80 6.10
C LYS A 193 -29.66 -23.35 6.55
N ILE A 194 -29.09 -22.49 5.70
CA ILE A 194 -28.74 -21.13 6.10
C ILE A 194 -29.64 -20.07 5.46
N TYR A 195 -30.47 -20.43 4.49
CA TYR A 195 -31.22 -19.42 3.74
C TYR A 195 -32.03 -18.52 4.65
N ALA A 196 -32.76 -19.11 5.60
CA ALA A 196 -33.60 -18.31 6.48
C ALA A 196 -32.81 -17.44 7.46
N TYR A 197 -31.50 -17.61 7.56
CA TYR A 197 -30.69 -16.93 8.57
C TYR A 197 -29.62 -16.01 8.00
N ALA A 198 -29.18 -16.24 6.77
CA ALA A 198 -28.13 -15.44 6.15
C ALA A 198 -28.69 -14.13 5.60
N GLY A 199 -27.93 -13.05 5.77
CA GLY A 199 -28.22 -11.81 5.10
C GLY A 199 -27.79 -11.92 3.65
N TYR A 200 -26.63 -12.56 3.45
CA TYR A 200 -26.16 -12.96 2.14
C TYR A 200 -25.29 -14.20 2.31
N ILE A 201 -25.11 -14.93 1.21
CA ILE A 201 -24.35 -16.18 1.21
C ILE A 201 -23.12 -16.01 0.34
N ALA A 202 -21.99 -16.52 0.83
CA ALA A 202 -20.70 -16.42 0.13
C ALA A 202 -20.25 -17.82 -0.29
N ILE A 203 -19.85 -17.94 -1.56
CA ILE A 203 -19.48 -19.23 -2.15
C ILE A 203 -17.95 -19.27 -2.23
N ASN A 204 -17.34 -20.15 -1.44
CA ASN A 204 -15.90 -20.24 -1.35
C ASN A 204 -15.40 -21.29 -2.33
N ILE A 205 -14.85 -20.84 -3.46
CA ILE A 205 -14.21 -21.74 -4.43
C ILE A 205 -12.80 -21.23 -4.68
N SER A 206 -12.22 -20.57 -3.66
CA SER A 206 -10.94 -19.90 -3.81
C SER A 206 -9.90 -20.29 -2.76
N SER A 207 -10.21 -21.21 -1.86
CA SER A 207 -9.22 -21.63 -0.88
C SER A 207 -8.09 -22.38 -1.58
N PRO A 208 -6.83 -22.09 -1.22
CA PRO A 208 -5.71 -22.91 -1.71
C PRO A 208 -5.46 -24.19 -0.92
N ASN A 209 -6.23 -24.42 0.14
CA ASN A 209 -5.94 -25.45 1.14
C ASN A 209 -6.92 -26.62 1.11
N THR A 210 -7.93 -26.58 0.26
CA THR A 210 -8.73 -27.77 0.01
C THR A 210 -8.47 -28.25 -1.41
N PRO A 211 -8.16 -29.52 -1.60
CA PRO A 211 -7.65 -29.96 -2.91
C PRO A 211 -8.69 -29.85 -4.00
N GLY A 212 -8.34 -29.13 -5.06
CA GLY A 212 -9.19 -29.01 -6.24
C GLY A 212 -10.32 -28.02 -6.12
N LEU A 213 -10.46 -27.33 -4.98
CA LEU A 213 -11.52 -26.35 -4.83
C LEU A 213 -11.39 -25.22 -5.85
N ARG A 214 -10.16 -24.83 -6.18
CA ARG A 214 -9.94 -23.70 -7.10
C ARG A 214 -10.26 -24.04 -8.54
N THR A 215 -10.31 -25.33 -8.90
CA THR A 215 -10.76 -25.72 -10.23
C THR A 215 -12.23 -25.39 -10.44
N LEU A 216 -13.01 -25.30 -9.36
CA LEU A 216 -14.41 -24.87 -9.49
C LEU A 216 -14.54 -23.45 -10.01
N GLN A 217 -13.44 -22.71 -10.15
CA GLN A 217 -13.47 -21.39 -10.75
C GLN A 217 -13.40 -21.43 -12.27
N TYR A 218 -13.06 -22.57 -12.86
CA TYR A 218 -12.72 -22.65 -14.27
C TYR A 218 -13.87 -23.22 -15.10
N GLY A 219 -13.91 -22.80 -16.37
CA GLY A 219 -14.76 -23.37 -17.40
C GLY A 219 -16.09 -23.97 -16.99
N GLU A 220 -16.32 -25.23 -17.38
CA GLU A 220 -17.61 -25.86 -17.16
C GLU A 220 -17.90 -26.05 -15.67
N ALA A 221 -16.86 -26.36 -14.87
CA ALA A 221 -17.05 -26.53 -13.45
C ALA A 221 -17.74 -25.32 -12.83
N LEU A 222 -17.30 -24.12 -13.20
CA LEU A 222 -17.93 -22.91 -12.67
C LEU A 222 -19.35 -22.75 -13.18
N ASP A 223 -19.57 -22.95 -14.48
CA ASP A 223 -20.92 -22.84 -15.04
C ASP A 223 -21.85 -23.88 -14.42
N ASP A 224 -21.39 -25.13 -14.37
CA ASP A 224 -22.13 -26.18 -13.69
C ASP A 224 -22.49 -25.75 -12.27
N LEU A 225 -21.50 -25.28 -11.51
CA LEU A 225 -21.74 -24.89 -10.12
C LEU A 225 -22.71 -23.72 -10.03
N LEU A 226 -22.42 -22.63 -10.75
CA LEU A 226 -23.27 -21.45 -10.68
C LEU A 226 -24.71 -21.80 -11.04
N THR A 227 -24.91 -22.70 -12.00
CA THR A 227 -26.25 -23.14 -12.35
C THR A 227 -26.95 -23.78 -11.16
N ALA A 228 -26.31 -24.80 -10.56
CA ALA A 228 -26.90 -25.49 -9.43
C ALA A 228 -27.23 -24.52 -8.30
N ILE A 229 -26.34 -23.58 -8.04
CA ILE A 229 -26.54 -22.66 -6.92
C ILE A 229 -27.72 -21.73 -7.19
N LYS A 230 -27.80 -21.18 -8.41
CA LYS A 230 -28.87 -20.23 -8.70
C LYS A 230 -30.23 -20.91 -8.73
N ASN A 231 -30.30 -22.15 -9.21
CA ASN A 231 -31.57 -22.87 -9.20
C ASN A 231 -31.98 -23.21 -7.78
N LYS A 232 -31.02 -23.60 -6.94
CA LYS A 232 -31.30 -23.78 -5.52
C LYS A 232 -31.76 -22.47 -4.88
N GLN A 233 -31.06 -21.37 -5.19
CA GLN A 233 -31.50 -20.07 -4.72
C GLN A 233 -32.94 -19.79 -5.14
N ASN A 234 -33.29 -20.08 -6.38
CA ASN A 234 -34.67 -19.74 -6.84
C ASN A 234 -35.69 -20.60 -6.11
N ASP A 235 -35.37 -21.86 -5.87
CA ASP A 235 -36.31 -22.79 -5.19
C ASP A 235 -36.45 -22.36 -3.72
N LEU A 236 -35.38 -21.88 -3.11
CA LEU A 236 -35.44 -21.47 -1.69
C LEU A 236 -36.16 -20.13 -1.56
N GLN A 237 -36.14 -19.31 -2.60
CA GLN A 237 -36.91 -18.04 -2.57
C GLN A 237 -38.40 -18.39 -2.56
N ALA A 238 -38.79 -19.41 -3.33
CA ALA A 238 -40.19 -19.82 -3.37
C ALA A 238 -40.60 -20.42 -2.03
N MET A 239 -39.69 -21.15 -1.40
CA MET A 239 -39.99 -21.83 -0.10
C MET A 239 -40.01 -20.81 1.03
N HIS A 240 -39.11 -19.83 1.02
CA HIS A 240 -39.03 -18.93 2.16
C HIS A 240 -39.62 -17.55 1.88
N HIS A 241 -40.01 -17.26 0.64
CA HIS A 241 -40.60 -15.98 0.28
C HIS A 241 -39.67 -14.81 0.61
N LYS A 242 -38.40 -14.96 0.24
CA LYS A 242 -37.45 -13.86 0.34
C LYS A 242 -36.24 -14.20 -0.51
N TYR A 243 -35.63 -13.16 -1.07
CA TYR A 243 -34.43 -13.30 -1.88
C TYR A 243 -33.20 -13.07 -1.01
N VAL A 244 -32.35 -14.08 -0.91
CA VAL A 244 -31.05 -13.97 -0.24
C VAL A 244 -29.99 -13.90 -1.32
N PRO A 245 -29.23 -12.81 -1.41
CA PRO A 245 -28.23 -12.69 -2.47
C PRO A 245 -27.07 -13.65 -2.25
N ILE A 246 -26.45 -14.05 -3.36
CA ILE A 246 -25.30 -14.96 -3.33
C ILE A 246 -24.13 -14.23 -3.98
N ALA A 247 -22.97 -14.30 -3.32
CA ALA A 247 -21.73 -13.73 -3.83
C ALA A 247 -20.66 -14.81 -3.84
N VAL A 248 -19.89 -14.86 -4.92
CA VAL A 248 -18.84 -15.86 -5.10
C VAL A 248 -17.50 -15.24 -4.72
N LYS A 249 -16.70 -15.99 -3.98
CA LYS A 249 -15.38 -15.53 -3.52
C LYS A 249 -14.31 -16.18 -4.38
N ILE A 250 -13.62 -15.38 -5.18
CA ILE A 250 -12.62 -15.86 -6.12
C ILE A 250 -11.24 -15.70 -5.52
N ALA A 251 -10.24 -16.26 -6.20
CA ALA A 251 -8.86 -16.19 -5.77
C ALA A 251 -8.12 -15.08 -6.50
N PRO A 252 -7.03 -14.57 -5.94
CA PRO A 252 -6.26 -13.51 -6.60
C PRO A 252 -5.24 -14.04 -7.59
N ASP A 253 -5.16 -15.35 -7.79
CA ASP A 253 -4.17 -15.96 -8.67
C ASP A 253 -4.74 -16.35 -10.03
N LEU A 254 -5.92 -15.83 -10.37
CA LEU A 254 -6.48 -16.04 -11.69
C LEU A 254 -5.68 -15.27 -12.73
N SER A 255 -5.45 -15.89 -13.88
CA SER A 255 -4.85 -15.18 -15.00
C SER A 255 -5.84 -14.16 -15.55
N GLU A 256 -5.37 -13.34 -16.50
CA GLU A 256 -6.28 -12.38 -17.10
C GLU A 256 -7.41 -13.08 -17.84
N GLU A 257 -7.10 -14.12 -18.60
CA GLU A 257 -8.15 -14.86 -19.31
C GLU A 257 -9.05 -15.61 -18.34
N GLU A 258 -8.46 -16.23 -17.32
CA GLU A 258 -9.27 -16.88 -16.29
C GLU A 258 -10.23 -15.89 -15.65
N LEU A 259 -9.76 -14.67 -15.39
CA LEU A 259 -10.59 -13.67 -14.74
C LEU A 259 -11.73 -13.21 -15.65
N ILE A 260 -11.43 -12.99 -16.93
CA ILE A 260 -12.47 -12.59 -17.87
C ILE A 260 -13.57 -13.65 -17.93
N GLN A 261 -13.18 -14.92 -18.02
CA GLN A 261 -14.17 -15.99 -18.03
C GLN A 261 -14.97 -16.02 -16.74
N VAL A 262 -14.29 -15.88 -15.60
CA VAL A 262 -14.98 -15.86 -14.31
C VAL A 262 -16.01 -14.74 -14.28
N ALA A 263 -15.60 -13.53 -14.69
CA ALA A 263 -16.53 -12.40 -14.72
C ALA A 263 -17.72 -12.71 -15.61
N ASP A 264 -17.46 -13.16 -16.84
CA ASP A 264 -18.56 -13.46 -17.77
C ASP A 264 -19.52 -14.48 -17.18
N SER A 265 -18.98 -15.56 -16.62
CA SER A 265 -19.85 -16.61 -16.05
C SER A 265 -20.71 -16.05 -14.93
N LEU A 266 -20.16 -15.14 -14.12
CA LEU A 266 -20.93 -14.57 -13.02
C LEU A 266 -22.07 -13.70 -13.52
N VAL A 267 -21.88 -13.01 -14.64
CA VAL A 267 -22.95 -12.19 -15.20
C VAL A 267 -24.01 -13.06 -15.84
N ARG A 268 -23.60 -14.09 -16.58
CA ARG A 268 -24.56 -14.93 -17.29
C ARG A 268 -25.44 -15.72 -16.33
N HIS A 269 -24.93 -16.05 -15.15
CA HIS A 269 -25.71 -16.80 -14.16
C HIS A 269 -26.40 -15.90 -13.14
N ASN A 270 -26.29 -14.58 -13.29
CA ASN A 270 -27.02 -13.63 -12.46
C ASN A 270 -26.65 -13.77 -10.98
N ILE A 271 -25.36 -13.97 -10.72
CA ILE A 271 -24.86 -13.98 -9.35
C ILE A 271 -24.84 -12.56 -8.82
N ASP A 272 -25.24 -12.40 -7.55
CA ASP A 272 -25.49 -11.06 -7.02
C ASP A 272 -24.22 -10.31 -6.63
N GLY A 273 -23.09 -10.99 -6.53
CA GLY A 273 -21.87 -10.31 -6.16
C GLY A 273 -20.66 -11.21 -6.29
N VAL A 274 -19.50 -10.58 -6.20
CA VAL A 274 -18.22 -11.26 -6.23
C VAL A 274 -17.34 -10.69 -5.12
N ILE A 275 -16.79 -11.58 -4.29
CA ILE A 275 -15.84 -11.21 -3.25
C ILE A 275 -14.45 -11.49 -3.77
N ALA A 276 -13.67 -10.44 -4.01
CA ALA A 276 -12.28 -10.54 -4.50
C ALA A 276 -11.41 -9.74 -3.55
N THR A 277 -10.41 -10.39 -2.95
CA THR A 277 -10.03 -11.78 -3.25
C THR A 277 -9.70 -12.63 -1.99
N ASN A 278 -9.45 -13.92 -2.21
CA ASN A 278 -8.93 -14.78 -1.14
C ASN A 278 -7.42 -14.65 -1.06
N THR A 279 -6.76 -15.58 -0.37
CA THR A 279 -5.32 -15.54 -0.20
C THR A 279 -4.61 -15.98 -1.48
N THR A 280 -3.30 -15.73 -1.52
CA THR A 280 -2.51 -15.94 -2.72
C THR A 280 -1.43 -17.00 -2.50
N LEU A 281 -1.12 -17.73 -3.57
CA LEU A 281 0.02 -18.63 -3.58
C LEU A 281 1.33 -17.89 -3.79
N ASP A 282 1.26 -16.61 -4.15
CA ASP A 282 2.46 -15.83 -4.40
C ASP A 282 3.31 -15.69 -3.14
N ARG A 283 4.63 -15.64 -3.33
CA ARG A 283 5.58 -15.37 -2.27
C ARG A 283 6.61 -14.33 -2.68
N SER A 284 6.45 -13.72 -3.86
CA SER A 284 7.50 -12.88 -4.43
C SER A 284 7.85 -11.69 -3.56
N LEU A 285 6.94 -11.24 -2.69
CA LEU A 285 7.20 -10.07 -1.87
C LEU A 285 7.68 -10.41 -0.46
N VAL A 286 7.67 -11.68 -0.07
CA VAL A 286 8.07 -12.08 1.27
C VAL A 286 9.30 -12.98 1.24
N GLN A 287 10.01 -13.02 0.11
CA GLN A 287 11.23 -13.82 0.03
C GLN A 287 12.23 -13.38 1.08
N GLY A 288 12.86 -14.35 1.73
CA GLY A 288 13.86 -14.06 2.74
C GLY A 288 13.32 -13.81 4.12
N MET A 289 12.00 -13.82 4.31
CA MET A 289 11.39 -13.62 5.62
C MET A 289 10.98 -14.95 6.22
N LYS A 290 10.97 -14.99 7.55
CA LYS A 290 10.62 -16.21 8.28
C LYS A 290 9.24 -16.70 7.88
N ASN A 291 9.12 -18.01 7.65
CA ASN A 291 7.87 -18.66 7.27
C ASN A 291 7.41 -18.32 5.87
N CYS A 292 8.31 -17.85 4.99
CA CYS A 292 7.90 -17.52 3.63
C CYS A 292 7.70 -18.75 2.76
N ASP A 293 8.34 -19.87 3.09
CA ASP A 293 8.24 -21.10 2.32
C ASP A 293 7.16 -22.04 2.84
N GLN A 294 6.40 -21.61 3.84
CA GLN A 294 5.31 -22.42 4.36
C GLN A 294 4.16 -22.47 3.37
N THR A 295 3.67 -23.68 3.11
CA THR A 295 2.59 -23.87 2.15
C THR A 295 1.29 -23.25 2.64
N GLY A 296 0.53 -22.68 1.73
CA GLY A 296 -0.76 -22.13 2.05
C GLY A 296 -1.00 -20.83 1.30
N GLY A 297 -1.93 -20.03 1.82
CA GLY A 297 -2.32 -18.77 1.20
C GLY A 297 -1.79 -17.58 1.99
N LEU A 298 -1.24 -16.61 1.27
CA LEU A 298 -0.67 -15.42 1.88
C LEU A 298 -1.70 -14.30 1.92
N SER A 299 -1.75 -13.60 3.06
CA SER A 299 -2.68 -12.51 3.26
C SER A 299 -1.94 -11.34 3.91
N GLY A 300 -2.65 -10.22 4.07
CA GLY A 300 -2.04 -9.04 4.64
C GLY A 300 -1.40 -8.15 3.58
N ARG A 301 -0.48 -7.31 4.05
CA ARG A 301 0.17 -6.35 3.16
C ARG A 301 0.77 -6.98 1.91
N PRO A 302 1.39 -8.16 1.95
CA PRO A 302 1.94 -8.75 0.72
C PRO A 302 0.90 -9.13 -0.32
N LEU A 303 -0.39 -9.01 -0.01
CA LEU A 303 -1.46 -9.31 -0.94
C LEU A 303 -2.17 -8.06 -1.44
N GLN A 304 -1.93 -6.91 -0.81
CA GLN A 304 -2.68 -5.69 -1.09
C GLN A 304 -2.66 -5.35 -2.57
N LEU A 305 -1.46 -5.17 -3.15
CA LEU A 305 -1.37 -4.69 -4.52
C LEU A 305 -2.00 -5.67 -5.49
N LYS A 306 -1.63 -6.94 -5.40
CA LYS A 306 -2.19 -7.95 -6.29
C LYS A 306 -3.71 -7.99 -6.20
N SER A 307 -4.25 -7.95 -4.98
CA SER A 307 -5.69 -7.95 -4.81
C SER A 307 -6.33 -6.75 -5.48
N THR A 308 -5.74 -5.56 -5.31
CA THR A 308 -6.30 -4.36 -5.92
C THR A 308 -6.33 -4.47 -7.45
N GLU A 309 -5.26 -5.00 -8.04
CA GLU A 309 -5.20 -5.10 -9.49
C GLU A 309 -6.26 -6.06 -10.03
N ILE A 310 -6.55 -7.13 -9.28
CA ILE A 310 -7.58 -8.06 -9.72
C ILE A 310 -8.94 -7.40 -9.69
N ILE A 311 -9.23 -6.62 -8.66
CA ILE A 311 -10.52 -5.96 -8.56
C ILE A 311 -10.70 -4.98 -9.71
N ARG A 312 -9.63 -4.28 -10.07
CA ARG A 312 -9.71 -3.32 -11.17
C ARG A 312 -10.00 -4.02 -12.48
N ARG A 313 -9.26 -5.09 -12.78
CA ARG A 313 -9.53 -5.89 -13.97
C ARG A 313 -10.91 -6.51 -13.91
N LEU A 314 -11.30 -7.02 -12.73
CA LEU A 314 -12.63 -7.60 -12.57
C LEU A 314 -13.72 -6.55 -12.78
N SER A 315 -13.51 -5.34 -12.23
CA SER A 315 -14.50 -4.28 -12.39
C SER A 315 -14.70 -3.93 -13.86
N LEU A 316 -13.61 -3.90 -14.64
CA LEU A 316 -13.73 -3.56 -16.05
C LEU A 316 -14.54 -4.60 -16.80
N GLU A 317 -14.31 -5.88 -16.51
CA GLU A 317 -15.10 -6.94 -17.13
C GLU A 317 -16.56 -6.83 -16.74
N LEU A 318 -16.83 -6.65 -15.44
CA LEU A 318 -18.21 -6.62 -14.96
C LEU A 318 -18.96 -5.39 -15.45
N ASN A 319 -18.27 -4.27 -15.61
CA ASN A 319 -18.89 -3.03 -16.08
C ASN A 319 -20.14 -2.69 -15.29
N GLY A 320 -20.03 -2.80 -13.96
CA GLY A 320 -21.10 -2.43 -13.06
C GLY A 320 -22.31 -3.33 -13.05
N ARG A 321 -22.26 -4.48 -13.75
CA ARG A 321 -23.42 -5.34 -13.81
C ARG A 321 -23.70 -6.02 -12.47
N LEU A 322 -22.66 -6.27 -11.67
CA LEU A 322 -22.83 -6.80 -10.33
C LEU A 322 -21.72 -6.25 -9.45
N PRO A 323 -21.99 -6.03 -8.17
CA PRO A 323 -21.02 -5.34 -7.31
C PRO A 323 -19.87 -6.23 -6.88
N ILE A 324 -18.76 -5.59 -6.53
CA ILE A 324 -17.55 -6.25 -6.07
C ILE A 324 -17.34 -5.94 -4.60
N ILE A 325 -17.13 -6.97 -3.79
CA ILE A 325 -16.68 -6.81 -2.42
C ILE A 325 -15.16 -6.97 -2.43
N GLY A 326 -14.45 -5.87 -2.17
CA GLY A 326 -12.99 -5.86 -2.25
C GLY A 326 -12.36 -6.24 -0.93
N VAL A 327 -11.42 -7.17 -0.97
CA VAL A 327 -10.71 -7.64 0.21
C VAL A 327 -9.31 -8.07 -0.19
N GLY A 328 -8.36 -7.86 0.71
CA GLY A 328 -6.98 -8.22 0.46
C GLY A 328 -5.99 -7.16 0.85
N GLY A 329 -5.40 -7.29 2.03
CA GLY A 329 -4.35 -6.38 2.45
C GLY A 329 -4.78 -4.96 2.73
N ILE A 330 -6.05 -4.72 3.03
CA ILE A 330 -6.51 -3.40 3.42
C ILE A 330 -6.07 -3.17 4.87
N ASP A 331 -5.14 -2.24 5.06
CA ASP A 331 -4.62 -1.94 6.40
C ASP A 331 -4.60 -0.43 6.65
N SER A 332 -5.46 0.32 5.98
CA SER A 332 -5.45 1.77 6.16
C SER A 332 -6.60 2.38 5.37
N VAL A 333 -6.99 3.60 5.78
CA VAL A 333 -8.05 4.32 5.09
C VAL A 333 -7.75 4.42 3.60
N ILE A 334 -6.53 4.82 3.25
CA ILE A 334 -6.17 4.99 1.85
C ILE A 334 -6.21 3.65 1.12
N ALA A 335 -5.69 2.60 1.75
CA ALA A 335 -5.72 1.28 1.14
C ALA A 335 -7.14 0.85 0.85
N ALA A 336 -8.08 1.17 1.74
CA ALA A 336 -9.48 0.85 1.51
C ALA A 336 -10.04 1.70 0.37
N ARG A 337 -9.65 2.97 0.30
CA ARG A 337 -10.13 3.83 -0.77
C ARG A 337 -9.61 3.39 -2.14
N GLU A 338 -8.39 2.86 -2.18
CA GLU A 338 -7.86 2.35 -3.44
C GLU A 338 -8.71 1.20 -3.97
N LYS A 339 -9.17 0.33 -3.08
CA LYS A 339 -10.06 -0.75 -3.51
C LYS A 339 -11.38 -0.22 -4.04
N ILE A 340 -11.91 0.84 -3.40
CA ILE A 340 -13.13 1.47 -3.90
C ILE A 340 -12.89 2.04 -5.29
N ALA A 341 -11.78 2.76 -5.46
CA ALA A 341 -11.45 3.31 -6.77
C ALA A 341 -11.30 2.21 -7.81
N ALA A 342 -10.77 1.06 -7.40
CA ALA A 342 -10.61 -0.06 -8.34
C ALA A 342 -11.95 -0.56 -8.84
N GLY A 343 -13.01 -0.42 -8.04
CA GLY A 343 -14.34 -0.80 -8.49
C GLY A 343 -15.19 -1.48 -7.44
N ALA A 344 -14.69 -1.55 -6.21
CA ALA A 344 -15.42 -2.22 -5.14
C ALA A 344 -16.45 -1.30 -4.51
N SER A 345 -17.57 -1.90 -4.11
CA SER A 345 -18.62 -1.18 -3.38
C SER A 345 -18.50 -1.35 -1.87
N LEU A 346 -17.95 -2.47 -1.42
CA LEU A 346 -17.69 -2.73 -0.01
C LEU A 346 -16.26 -3.23 0.12
N VAL A 347 -15.78 -3.28 1.37
CA VAL A 347 -14.45 -3.79 1.65
C VAL A 347 -14.50 -4.67 2.89
N GLN A 348 -13.53 -5.57 2.98
CA GLN A 348 -13.40 -6.46 4.13
C GLN A 348 -11.96 -6.46 4.60
N ILE A 349 -11.77 -6.85 5.85
CA ILE A 349 -10.44 -6.92 6.44
C ILE A 349 -10.35 -8.16 7.31
N TYR A 350 -9.15 -8.74 7.37
CA TYR A 350 -8.85 -9.82 8.29
C TYR A 350 -7.48 -9.55 8.90
N SER A 351 -6.44 -9.56 8.06
CA SER A 351 -5.08 -9.51 8.59
C SER A 351 -4.77 -8.15 9.20
N GLY A 352 -5.30 -7.07 8.61
CA GLY A 352 -5.12 -5.74 9.16
C GLY A 352 -5.81 -5.52 10.48
N PHE A 353 -6.87 -6.27 10.75
CA PHE A 353 -7.52 -6.26 12.05
C PHE A 353 -6.64 -6.93 13.10
N ILE A 354 -5.80 -7.86 12.67
CA ILE A 354 -4.87 -8.52 13.58
C ILE A 354 -3.65 -7.65 13.85
N PHE A 355 -3.09 -7.06 12.79
CA PHE A 355 -1.86 -6.30 12.88
C PHE A 355 -2.08 -4.86 13.32
N LYS A 356 -3.28 -4.31 13.14
CA LYS A 356 -3.56 -2.93 13.52
C LYS A 356 -4.78 -2.75 14.41
N GLY A 357 -5.65 -3.75 14.53
CA GLY A 357 -6.63 -3.79 15.60
C GLY A 357 -7.89 -2.98 15.36
N PRO A 358 -8.73 -2.89 16.39
CA PRO A 358 -10.03 -2.23 16.25
C PRO A 358 -9.89 -0.78 15.82
N PRO A 359 -8.80 -0.09 16.18
CA PRO A 359 -8.59 1.25 15.64
C PRO A 359 -8.70 1.33 14.13
N LEU A 360 -8.27 0.29 13.41
CA LEU A 360 -8.37 0.30 11.97
C LEU A 360 -9.83 0.28 11.50
N ILE A 361 -10.70 -0.38 12.26
CA ILE A 361 -12.13 -0.33 11.95
C ILE A 361 -12.63 1.10 11.99
N LYS A 362 -12.33 1.81 13.10
CA LYS A 362 -12.79 3.18 13.24
C LYS A 362 -12.18 4.08 12.17
N GLU A 363 -10.90 3.85 11.85
CA GLU A 363 -10.26 4.62 10.78
C GLU A 363 -11.04 4.51 9.48
N ILE A 364 -11.29 3.27 9.04
CA ILE A 364 -11.84 3.06 7.70
C ILE A 364 -13.29 3.55 7.62
N VAL A 365 -14.11 3.18 8.60
CA VAL A 365 -15.51 3.60 8.58
C VAL A 365 -15.62 5.11 8.62
N THR A 366 -14.75 5.76 9.41
CA THR A 366 -14.87 7.20 9.60
C THR A 366 -14.50 7.96 8.33
N HIS A 367 -13.45 7.52 7.63
CA HIS A 367 -12.87 8.30 6.54
C HIS A 367 -13.00 7.67 5.16
N ILE A 368 -13.48 6.44 5.05
CA ILE A 368 -13.67 5.86 3.73
C ILE A 368 -14.66 6.70 2.95
N TYR B 34 9.97 5.68 20.94
CA TYR B 34 8.72 5.24 20.33
C TYR B 34 8.04 6.40 19.61
N TYR B 35 7.96 6.29 18.29
CA TYR B 35 7.59 7.42 17.45
C TYR B 35 6.14 7.86 17.60
N PRO B 36 5.17 6.94 17.64
CA PRO B 36 3.76 7.38 17.68
C PRO B 36 3.49 8.42 18.75
N PHE B 37 4.25 8.43 19.84
CA PHE B 37 4.09 9.45 20.86
C PHE B 37 4.86 10.72 20.50
N VAL B 38 6.05 10.56 19.90
CA VAL B 38 6.79 11.72 19.40
C VAL B 38 5.99 12.43 18.32
N ARG B 39 5.28 11.66 17.48
CA ARG B 39 4.54 12.27 16.38
C ARG B 39 3.33 13.04 16.88
N LYS B 40 2.62 12.50 17.88
CA LYS B 40 1.47 13.22 18.44
C LYS B 40 1.88 14.62 18.88
N ALA B 41 2.98 14.73 19.63
CA ALA B 41 3.46 16.04 20.04
C ALA B 41 3.85 16.88 18.83
N LEU B 42 4.75 16.35 17.99
CA LEU B 42 5.23 17.10 16.83
C LEU B 42 4.07 17.59 15.98
N PHE B 43 3.04 16.77 15.79
CA PHE B 43 1.91 17.16 14.95
C PHE B 43 1.06 18.25 15.56
N GLN B 44 1.29 18.62 16.82
CA GLN B 44 0.62 19.79 17.38
C GLN B 44 1.09 21.08 16.73
N LEU B 45 2.23 21.02 16.04
CA LEU B 45 2.80 22.24 15.40
C LEU B 45 2.40 22.27 13.92
N ASP B 46 2.53 23.43 13.29
CA ASP B 46 2.27 23.53 11.83
C ASP B 46 3.37 22.76 11.14
N PRO B 47 3.07 22.05 10.04
CA PRO B 47 4.07 21.24 9.35
C PRO B 47 5.44 21.92 9.20
N GLU B 48 5.48 23.18 8.77
CA GLU B 48 6.75 23.85 8.53
C GLU B 48 7.42 24.28 9.85
N ARG B 49 6.63 24.67 10.84
CA ARG B 49 7.20 24.97 12.15
C ARG B 49 7.84 23.73 12.76
N ALA B 50 7.26 22.57 12.52
CA ALA B 50 7.82 21.30 13.03
C ALA B 50 9.17 21.04 12.38
N HIS B 51 9.29 21.28 11.08
CA HIS B 51 10.57 21.08 10.36
C HIS B 51 11.63 22.01 10.94
N GLU B 52 11.27 23.28 11.14
CA GLU B 52 12.26 24.27 11.63
C GLU B 52 12.74 23.82 13.02
N PHE B 53 11.82 23.35 13.87
CA PHE B 53 12.22 22.98 15.24
C PHE B 53 13.08 21.72 15.23
N THR B 54 12.70 20.72 14.44
CA THR B 54 13.46 19.44 14.39
C THR B 54 14.83 19.67 13.78
N PHE B 55 14.94 20.58 12.81
CA PHE B 55 16.21 20.82 12.11
C PHE B 55 17.10 21.70 12.97
N GLN B 56 16.51 22.55 13.81
CA GLN B 56 17.33 23.34 14.75
C GLN B 56 18.04 22.36 15.66
N GLN B 57 17.35 21.31 16.07
CA GLN B 57 17.98 20.30 16.92
C GLN B 57 19.01 19.48 16.15
N LEU B 58 18.68 19.09 14.92
CA LEU B 58 19.59 18.28 14.12
C LEU B 58 20.83 19.06 13.70
N ARG B 59 20.73 20.39 13.63
CA ARG B 59 21.88 21.22 13.25
C ARG B 59 22.89 21.32 14.38
N ARG B 60 22.42 21.35 15.62
CA ARG B 60 23.27 21.40 16.81
C ARG B 60 23.88 20.05 17.16
N ILE B 61 23.47 18.97 16.49
CA ILE B 61 24.03 17.65 16.73
C ILE B 61 24.71 17.05 15.51
N THR B 62 24.45 17.56 14.30
CA THR B 62 25.04 16.98 13.10
C THR B 62 26.55 17.22 13.08
N GLY B 63 27.29 16.17 12.72
CA GLY B 63 28.73 16.24 12.68
C GLY B 63 29.42 16.20 14.02
N THR B 64 28.67 16.12 15.12
CA THR B 64 29.22 16.09 16.45
C THR B 64 28.93 14.74 17.12
N PRO B 65 29.68 14.37 18.16
CA PRO B 65 29.36 13.15 18.90
C PRO B 65 27.95 13.14 19.48
N PHE B 66 27.27 14.29 19.48
CA PHE B 66 25.90 14.35 19.95
C PHE B 66 24.92 13.64 19.03
N GLU B 67 25.35 13.21 17.85
CA GLU B 67 24.47 12.47 16.96
C GLU B 67 24.33 11.01 17.35
N ALA B 68 24.95 10.58 18.47
CA ALA B 68 24.54 9.33 19.08
C ALA B 68 23.07 9.36 19.44
N LEU B 69 22.52 10.56 19.67
CA LEU B 69 21.12 10.70 20.05
C LEU B 69 20.19 10.17 18.97
N VAL B 70 20.60 10.22 17.70
CA VAL B 70 19.76 9.81 16.59
C VAL B 70 20.35 8.63 15.81
N ARG B 71 21.50 8.11 16.23
CA ARG B 71 22.12 7.03 15.48
C ARG B 71 21.26 5.77 15.53
N GLN B 72 21.30 5.02 14.44
CA GLN B 72 20.62 3.74 14.32
C GLN B 72 21.56 2.74 13.67
N LYS B 73 21.70 1.57 14.28
CA LYS B 73 22.43 0.48 13.66
C LYS B 73 21.53 -0.18 12.63
N VAL B 74 21.95 -0.17 11.36
CA VAL B 74 21.26 -0.89 10.31
C VAL B 74 22.28 -1.76 9.59
N PRO B 75 21.90 -2.92 9.07
CA PRO B 75 22.87 -3.81 8.45
C PRO B 75 23.34 -3.27 7.10
N ALA B 76 24.50 -3.76 6.67
CA ALA B 76 25.01 -3.42 5.36
C ALA B 76 24.24 -4.19 4.28
N LYS B 77 23.75 -3.47 3.28
CA LYS B 77 23.02 -4.07 2.16
C LYS B 77 23.42 -3.35 0.88
N PRO B 78 24.69 -3.51 0.48
CA PRO B 78 25.19 -2.71 -0.65
C PRO B 78 24.52 -3.10 -1.95
N VAL B 79 24.22 -2.08 -2.77
CA VAL B 79 23.64 -2.25 -4.09
C VAL B 79 24.47 -1.44 -5.07
N ASN B 80 24.81 -2.06 -6.20
CA ASN B 80 25.48 -1.36 -7.29
C ASN B 80 24.41 -0.71 -8.17
N CYS B 81 24.53 0.59 -8.39
CA CYS B 81 23.56 1.31 -9.21
C CYS B 81 24.20 2.57 -9.76
N MET B 82 24.05 2.77 -11.08
CA MET B 82 24.60 3.94 -11.76
C MET B 82 26.13 3.99 -11.66
N GLY B 83 26.77 2.83 -11.63
CA GLY B 83 28.21 2.77 -11.48
C GLY B 83 28.71 3.12 -10.10
N LEU B 84 27.83 3.38 -9.15
CA LEU B 84 28.18 3.67 -7.77
C LEU B 84 27.79 2.50 -6.88
N THR B 85 28.42 2.44 -5.71
CA THR B 85 28.04 1.49 -4.67
C THR B 85 27.25 2.24 -3.60
N PHE B 86 26.03 1.81 -3.36
CA PHE B 86 25.19 2.38 -2.33
C PHE B 86 25.24 1.50 -1.08
N LYS B 87 25.64 2.10 0.04
CA LYS B 87 25.62 1.45 1.35
C LYS B 87 24.46 0.48 1.47
N ASN B 88 23.24 0.97 1.36
CA ASN B 88 22.04 0.15 1.37
C ASN B 88 21.03 0.73 0.39
N PRO B 89 19.94 0.02 0.10
CA PRO B 89 19.05 0.46 -0.99
C PRO B 89 18.15 1.64 -0.64
N LEU B 90 18.12 2.08 0.62
CA LEU B 90 17.19 3.11 1.05
C LEU B 90 17.88 4.47 1.11
N GLY B 91 17.27 5.47 0.49
CA GLY B 91 17.78 6.82 0.54
C GLY B 91 16.76 7.82 1.05
N LEU B 92 17.24 8.95 1.56
CA LEU B 92 16.36 10.05 1.96
C LEU B 92 16.08 10.92 0.73
N ALA B 93 14.81 11.00 0.35
CA ALA B 93 14.44 11.76 -0.83
C ALA B 93 14.76 13.23 -0.66
N ALA B 94 14.90 13.93 -1.79
CA ALA B 94 15.18 15.35 -1.76
C ALA B 94 14.00 16.13 -1.18
N GLY B 95 14.29 17.28 -0.58
CA GLY B 95 13.29 18.17 -0.06
C GLY B 95 13.29 18.32 1.45
N LEU B 96 13.89 17.38 2.18
CA LEU B 96 13.97 17.48 3.63
C LEU B 96 15.15 18.33 4.09
N ASP B 97 16.34 18.02 3.58
CA ASP B 97 17.56 18.81 3.86
C ASP B 97 17.84 19.60 2.58
N LYS B 98 17.07 20.65 2.33
CA LYS B 98 17.17 21.41 1.06
C LYS B 98 18.52 22.10 0.90
N ASP B 99 19.20 22.40 2.00
CA ASP B 99 20.45 23.20 1.90
C ASP B 99 21.68 22.37 2.31
N GLY B 100 21.48 21.12 2.73
CA GLY B 100 22.62 20.29 3.09
C GLY B 100 23.17 20.54 4.47
N GLU B 101 22.32 20.94 5.42
CA GLU B 101 22.79 21.32 6.74
C GLU B 101 23.04 20.13 7.65
N CYS B 102 22.32 19.02 7.45
CA CYS B 102 22.27 17.95 8.42
C CYS B 102 22.61 16.60 7.78
N ILE B 103 23.59 16.58 6.89
CA ILE B 103 23.92 15.34 6.18
C ILE B 103 24.39 14.27 7.16
N ASP B 104 25.36 14.61 8.00
CA ASP B 104 25.92 13.61 8.92
C ASP B 104 24.85 13.09 9.89
N ALA B 105 24.03 13.98 10.43
CA ALA B 105 22.98 13.55 11.36
C ALA B 105 22.01 12.59 10.69
N LEU B 106 21.49 12.97 9.52
CA LEU B 106 20.56 12.10 8.81
C LEU B 106 21.23 10.80 8.38
N GLY B 107 22.50 10.87 8.00
CA GLY B 107 23.23 9.65 7.70
C GLY B 107 23.31 8.72 8.89
N ALA B 108 23.51 9.28 10.09
CA ALA B 108 23.56 8.47 11.30
C ALA B 108 22.25 7.73 11.54
N MET B 109 21.14 8.18 10.96
CA MET B 109 19.86 7.51 11.16
C MET B 109 19.75 6.22 10.35
N GLY B 110 20.68 5.97 9.44
CA GLY B 110 20.76 4.69 8.74
C GLY B 110 20.62 4.78 7.23
N PHE B 111 20.34 5.96 6.66
CA PHE B 111 20.16 6.05 5.22
C PHE B 111 21.42 5.61 4.48
N GLY B 112 21.23 4.80 3.44
CA GLY B 112 22.32 4.42 2.57
C GLY B 112 22.71 5.50 1.59
N SER B 113 21.79 6.43 1.31
CA SER B 113 22.07 7.58 0.44
C SER B 113 21.19 8.73 0.92
N ILE B 114 21.70 9.95 0.74
CA ILE B 114 20.99 11.16 1.13
C ILE B 114 20.99 12.12 -0.05
N GLU B 115 19.80 12.57 -0.44
CA GLU B 115 19.63 13.51 -1.53
C GLU B 115 19.27 14.87 -0.94
N ILE B 116 20.17 15.84 -1.08
CA ILE B 116 19.94 17.19 -0.60
C ILE B 116 19.40 18.03 -1.75
N GLY B 117 18.82 19.16 -1.42
CA GLY B 117 18.11 19.97 -2.37
C GLY B 117 16.61 19.88 -2.17
N THR B 118 15.86 20.42 -3.14
CA THR B 118 16.43 21.03 -4.33
C THR B 118 17.05 22.39 -4.06
N VAL B 119 18.18 22.67 -4.71
CA VAL B 119 18.87 23.94 -4.59
C VAL B 119 18.94 24.58 -5.98
N THR B 120 18.80 25.89 -6.02
CA THR B 120 18.89 26.67 -7.24
C THR B 120 20.19 27.47 -7.27
N PRO B 121 20.56 28.01 -8.43
CA PRO B 121 21.81 28.80 -8.49
C PRO B 121 21.82 29.96 -7.50
N ARG B 122 20.79 30.79 -7.52
CA ARG B 122 20.59 31.91 -6.62
C ARG B 122 19.56 31.57 -5.55
N PRO B 123 19.69 32.12 -4.36
CA PRO B 123 18.69 31.86 -3.31
C PRO B 123 17.34 32.44 -3.69
N GLN B 124 16.28 31.83 -3.15
CA GLN B 124 14.93 32.34 -3.36
C GLN B 124 14.05 31.83 -2.23
N PRO B 125 13.02 32.58 -1.84
CA PRO B 125 12.26 32.22 -0.63
C PRO B 125 11.20 31.15 -0.85
N GLY B 126 10.88 30.81 -2.09
CA GLY B 126 9.76 29.94 -2.36
C GLY B 126 8.44 30.67 -2.26
N ASN B 127 7.37 29.91 -2.42
CA ASN B 127 6.04 30.52 -2.47
C ASN B 127 5.60 30.98 -1.08
N ASP B 128 4.51 31.72 -1.04
CA ASP B 128 4.04 32.33 0.19
C ASP B 128 3.46 31.28 1.13
N LYS B 129 3.69 31.47 2.43
CA LYS B 129 3.10 30.62 3.45
C LYS B 129 1.62 30.96 3.64
N PRO B 130 0.82 30.01 4.14
CA PRO B 130 1.25 28.63 4.43
C PRO B 130 1.35 27.80 3.15
N ARG B 131 2.35 26.93 3.08
CA ARG B 131 2.66 26.19 1.86
C ARG B 131 2.85 24.70 2.10
N LEU B 132 2.63 24.24 3.33
CA LEU B 132 2.77 22.79 3.66
C LEU B 132 1.59 22.37 4.52
N PHE B 133 0.90 21.32 4.11
CA PHE B 133 -0.33 20.88 4.81
C PHE B 133 -0.23 19.39 5.09
N ARG B 134 -0.69 18.98 6.26
CA ARG B 134 -0.59 17.56 6.66
C ARG B 134 -1.99 16.96 6.60
N LEU B 135 -2.13 15.82 5.94
CA LEU B 135 -3.44 15.13 5.93
C LEU B 135 -3.55 14.32 7.22
N VAL B 136 -2.79 13.25 7.41
CA VAL B 136 -2.74 12.50 8.70
C VAL B 136 -3.64 11.27 8.66
N ASP B 137 -4.93 11.45 8.41
CA ASP B 137 -5.80 10.26 8.24
C ASP B 137 -5.34 9.55 6.98
N ALA B 138 -4.83 10.30 6.02
CA ALA B 138 -4.29 9.70 4.80
C ALA B 138 -2.80 9.48 4.85
N GLU B 139 -2.14 9.89 5.94
CA GLU B 139 -0.70 9.84 6.07
C GLU B 139 -0.03 10.39 4.80
N GLY B 140 -0.54 11.54 4.35
CA GLY B 140 -0.03 12.19 3.17
C GLY B 140 0.24 13.66 3.45
N LEU B 141 0.96 14.31 2.53
CA LEU B 141 1.32 15.73 2.71
C LEU B 141 1.07 16.50 1.42
N ILE B 142 0.58 17.74 1.51
CA ILE B 142 0.41 18.59 0.31
C ILE B 142 1.38 19.76 0.47
N ASN B 143 2.21 20.03 -0.54
CA ASN B 143 3.23 21.10 -0.41
C ASN B 143 3.30 21.96 -1.67
N ARG B 144 3.49 23.28 -1.49
CA ARG B 144 3.69 24.23 -2.62
C ARG B 144 4.83 25.14 -2.18
N MET B 145 6.01 24.56 -1.90
CA MET B 145 7.13 25.33 -1.31
C MET B 145 7.82 26.32 -2.25
N GLY B 146 7.72 26.14 -3.57
CA GLY B 146 8.40 26.99 -4.56
C GLY B 146 9.92 26.96 -4.54
N PHE B 147 10.54 25.83 -4.17
CA PHE B 147 12.02 25.70 -4.16
C PHE B 147 12.64 26.70 -3.18
N ASN B 148 12.25 26.66 -1.92
CA ASN B 148 12.78 27.52 -0.88
C ASN B 148 14.14 26.99 -0.47
N ASN B 149 15.20 27.70 -0.88
CA ASN B 149 16.55 27.26 -0.62
C ASN B 149 17.47 28.48 -0.57
N LEU B 150 18.69 28.26 -0.09
CA LEU B 150 19.66 29.32 0.11
C LEU B 150 20.69 29.42 -1.01
N GLY B 151 20.49 28.70 -2.11
CA GLY B 151 21.39 28.78 -3.24
C GLY B 151 22.44 27.69 -3.24
N VAL B 152 22.99 27.43 -4.43
CA VAL B 152 23.95 26.34 -4.59
C VAL B 152 25.27 26.66 -3.90
N ASP B 153 25.69 27.92 -3.91
CA ASP B 153 26.96 28.29 -3.29
C ASP B 153 26.95 27.95 -1.81
N ASN B 154 25.87 28.30 -1.10
CA ASN B 154 25.77 27.97 0.31
C ASN B 154 25.76 26.46 0.52
N LEU B 155 25.06 25.73 -0.35
CA LEU B 155 24.99 24.28 -0.21
C LEU B 155 26.38 23.65 -0.33
N VAL B 156 27.16 24.08 -1.31
CA VAL B 156 28.50 23.52 -1.50
C VAL B 156 29.33 23.71 -0.24
N GLU B 157 29.19 24.85 0.43
CA GLU B 157 29.91 25.06 1.69
C GLU B 157 29.48 24.04 2.73
N ASN B 158 28.17 23.83 2.89
CA ASN B 158 27.68 22.85 3.85
C ASN B 158 28.18 21.45 3.51
N VAL B 159 28.03 21.05 2.23
CA VAL B 159 28.50 19.74 1.82
C VAL B 159 29.98 19.57 2.13
N LYS B 160 30.75 20.65 2.04
CA LYS B 160 32.19 20.57 2.29
C LYS B 160 32.49 20.07 3.69
N LYS B 161 31.59 20.31 4.65
CA LYS B 161 31.81 19.92 6.03
C LYS B 161 31.33 18.51 6.36
N ALA B 162 30.61 17.87 5.44
CA ALA B 162 30.03 16.56 5.74
C ALA B 162 31.09 15.47 5.72
N HIS B 163 30.76 14.36 6.38
CA HIS B 163 31.63 13.19 6.46
C HIS B 163 30.79 11.93 6.36
N TYR B 164 29.88 11.93 5.38
CA TYR B 164 28.89 10.88 5.20
C TYR B 164 29.48 9.79 4.29
N ASP B 165 29.53 8.55 4.79
CA ASP B 165 30.07 7.43 4.04
C ASP B 165 29.03 6.75 3.15
N GLY B 166 27.83 7.31 3.04
CA GLY B 166 26.87 6.90 2.06
C GLY B 166 27.03 7.69 0.77
N VAL B 167 26.10 7.48 -0.15
CA VAL B 167 26.08 8.21 -1.40
C VAL B 167 25.33 9.51 -1.19
N LEU B 168 25.97 10.62 -1.56
CA LEU B 168 25.34 11.94 -1.47
C LEU B 168 24.82 12.35 -2.83
N GLY B 169 23.50 12.52 -2.93
CA GLY B 169 22.89 13.04 -4.14
C GLY B 169 22.54 14.51 -3.96
N ILE B 170 22.84 15.29 -4.98
CA ILE B 170 22.58 16.73 -4.97
C ILE B 170 21.51 17.03 -6.02
N ASN B 171 20.38 17.56 -5.57
CA ASN B 171 19.22 17.79 -6.40
C ASN B 171 19.15 19.27 -6.77
N ILE B 172 19.17 19.56 -8.06
CA ILE B 172 19.23 20.94 -8.54
C ILE B 172 17.99 21.26 -9.36
N GLY B 173 17.56 22.51 -9.29
CA GLY B 173 16.38 22.97 -10.01
C GLY B 173 16.57 24.37 -10.56
N LYS B 174 15.54 24.83 -11.25
CA LYS B 174 15.56 26.13 -11.92
C LYS B 174 15.07 27.23 -11.00
N ASN B 175 15.78 28.36 -10.99
CA ASN B 175 15.33 29.52 -10.24
C ASN B 175 13.96 29.97 -10.76
N LYS B 176 13.17 30.55 -9.85
CA LYS B 176 11.79 30.88 -10.19
C LYS B 176 11.71 31.77 -11.42
N ASP B 177 12.43 32.89 -11.40
CA ASP B 177 12.30 33.91 -12.44
C ASP B 177 13.02 33.57 -13.73
N THR B 178 13.75 32.47 -13.79
CA THR B 178 14.44 32.10 -15.02
C THR B 178 13.42 31.71 -16.09
N PRO B 179 13.60 32.17 -17.33
CA PRO B 179 12.70 31.74 -18.40
C PRO B 179 12.81 30.24 -18.64
N VAL B 180 11.67 29.56 -18.75
CA VAL B 180 11.68 28.09 -18.93
C VAL B 180 12.59 27.75 -20.11
N GLU B 181 12.63 28.62 -21.11
CA GLU B 181 13.46 28.40 -22.31
C GLU B 181 14.93 28.32 -21.92
N GLN B 182 15.36 29.21 -21.02
N GLN B 182 15.36 29.21 -21.02
CA GLN B 182 16.79 29.24 -20.59
CA GLN B 182 16.79 29.24 -20.59
C GLN B 182 16.94 28.57 -19.23
C GLN B 182 16.94 28.57 -19.23
N GLY B 183 16.11 27.57 -18.95
CA GLY B 183 16.20 26.84 -17.67
C GLY B 183 17.48 26.05 -17.60
N LYS B 184 17.90 25.49 -18.74
CA LYS B 184 19.15 24.70 -18.79
C LYS B 184 20.29 25.45 -18.15
N ASP B 185 20.32 26.76 -18.31
CA ASP B 185 21.47 27.55 -17.79
C ASP B 185 21.52 27.38 -16.27
N ASP B 186 20.38 27.42 -15.59
CA ASP B 186 20.39 27.23 -14.15
C ASP B 186 20.98 25.88 -13.77
N TYR B 187 20.63 24.84 -14.54
CA TYR B 187 21.12 23.50 -14.23
C TYR B 187 22.62 23.39 -14.49
N LEU B 188 23.09 23.94 -15.61
CA LEU B 188 24.51 23.87 -15.92
C LEU B 188 25.34 24.64 -14.90
N ILE B 189 24.88 25.83 -14.51
CA ILE B 189 25.55 26.58 -13.45
C ILE B 189 25.70 25.71 -12.20
N CYS B 190 24.58 25.16 -11.73
CA CYS B 190 24.61 24.33 -10.52
C CYS B 190 25.56 23.17 -10.68
N MET B 191 25.56 22.52 -11.85
CA MET B 191 26.38 21.33 -12.06
C MET B 191 27.85 21.65 -11.85
N GLU B 192 28.34 22.75 -12.44
CA GLU B 192 29.75 23.08 -12.31
C GLU B 192 30.14 23.26 -10.85
N LYS B 193 29.29 23.92 -10.07
CA LYS B 193 29.62 24.26 -8.68
C LYS B 193 29.58 23.05 -7.76
N ILE B 194 28.84 22.00 -8.11
CA ILE B 194 28.63 20.86 -7.23
C ILE B 194 29.28 19.58 -7.74
N TYR B 195 29.74 19.55 -9.00
CA TYR B 195 30.27 18.31 -9.55
C TYR B 195 31.32 17.68 -8.64
N ALA B 196 32.24 18.49 -8.14
CA ALA B 196 33.35 17.95 -7.36
C ALA B 196 32.89 17.30 -6.06
N TYR B 197 31.71 17.65 -5.56
CA TYR B 197 31.27 17.22 -4.24
C TYR B 197 30.10 16.24 -4.25
N ALA B 198 29.51 15.97 -5.41
CA ALA B 198 28.33 15.12 -5.47
C ALA B 198 28.71 13.67 -5.77
N GLY B 199 27.93 12.75 -5.21
CA GLY B 199 28.04 11.35 -5.58
C GLY B 199 27.26 11.10 -6.85
N TYR B 200 26.07 11.69 -6.93
CA TYR B 200 25.32 11.77 -8.16
C TYR B 200 24.51 13.06 -8.14
N ILE B 201 24.10 13.51 -9.31
CA ILE B 201 23.34 14.74 -9.46
C ILE B 201 21.93 14.38 -9.91
N ALA B 202 20.93 14.94 -9.24
CA ALA B 202 19.53 14.72 -9.56
C ALA B 202 18.97 15.99 -10.20
N ILE B 203 18.31 15.83 -11.35
CA ILE B 203 17.79 16.95 -12.13
C ILE B 203 16.29 17.02 -11.87
N ASN B 204 15.87 17.95 -11.03
CA ASN B 204 14.45 18.12 -10.70
C ASN B 204 13.79 18.97 -11.77
N ILE B 205 12.90 18.35 -12.55
CA ILE B 205 12.10 19.05 -13.55
C ILE B 205 10.67 18.58 -13.39
N SER B 206 10.34 18.14 -12.17
CA SER B 206 9.04 17.56 -11.88
C SER B 206 8.25 18.29 -10.81
N SER B 207 8.79 19.36 -10.24
CA SER B 207 8.07 20.07 -9.19
C SER B 207 6.80 20.70 -9.78
N PRO B 208 5.66 20.57 -9.12
CA PRO B 208 4.44 21.27 -9.57
C PRO B 208 4.30 22.70 -9.07
N ASN B 209 5.31 23.24 -8.38
CA ASN B 209 5.24 24.48 -7.63
C ASN B 209 6.19 25.55 -8.16
N THR B 210 6.89 25.27 -9.24
CA THR B 210 7.56 26.30 -10.03
C THR B 210 6.90 26.34 -11.40
N PRO B 211 6.23 27.45 -11.76
CA PRO B 211 5.42 27.45 -12.97
C PRO B 211 6.18 27.08 -14.23
N GLY B 212 5.66 26.10 -14.96
CA GLY B 212 6.23 25.71 -16.24
C GLY B 212 7.44 24.82 -16.17
N LEU B 213 7.84 24.37 -14.98
CA LEU B 213 9.02 23.52 -14.86
C LEU B 213 8.77 22.12 -15.42
N ARG B 214 7.53 21.62 -15.32
CA ARG B 214 7.21 20.28 -15.79
C ARG B 214 7.19 20.18 -17.31
N THR B 215 7.11 21.32 -18.02
CA THR B 215 7.20 21.29 -19.47
C THR B 215 8.58 20.86 -19.96
N LEU B 216 9.60 20.97 -19.10
CA LEU B 216 10.91 20.44 -19.43
C LEU B 216 10.92 18.92 -19.52
N GLN B 217 9.84 18.25 -19.09
CA GLN B 217 9.73 16.81 -19.28
C GLN B 217 9.33 16.46 -20.71
N TYR B 218 8.65 17.36 -21.41
CA TYR B 218 8.01 17.07 -22.68
C TYR B 218 8.90 17.49 -23.86
N GLY B 219 8.72 16.79 -24.98
CA GLY B 219 9.21 17.11 -26.30
C GLY B 219 10.69 17.45 -26.34
N GLU B 220 11.02 18.38 -27.24
CA GLU B 220 12.40 18.77 -27.46
C GLU B 220 12.94 19.73 -26.40
N ALA B 221 12.06 20.31 -25.58
CA ALA B 221 12.53 21.01 -24.39
C ALA B 221 13.39 20.08 -23.54
N LEU B 222 12.88 18.88 -23.26
CA LEU B 222 13.68 17.89 -22.56
C LEU B 222 14.89 17.48 -23.39
N ASP B 223 14.72 17.32 -24.70
CA ASP B 223 15.83 16.92 -25.56
C ASP B 223 16.97 17.94 -25.50
N ASP B 224 16.61 19.23 -25.52
CA ASP B 224 17.62 20.29 -25.39
C ASP B 224 18.31 20.21 -24.03
N LEU B 225 17.51 20.11 -22.96
CA LEU B 225 18.09 20.10 -21.61
C LEU B 225 19.06 18.95 -21.44
N LEU B 226 18.66 17.74 -21.86
CA LEU B 226 19.49 16.56 -21.63
C LEU B 226 20.79 16.63 -22.43
N THR B 227 20.70 17.14 -23.66
CA THR B 227 21.90 17.33 -24.46
C THR B 227 22.89 18.24 -23.75
N ALA B 228 22.40 19.37 -23.23
CA ALA B 228 23.30 20.29 -22.52
C ALA B 228 23.87 19.62 -21.29
N ILE B 229 23.02 18.96 -20.50
CA ILE B 229 23.48 18.37 -19.24
C ILE B 229 24.52 17.28 -19.52
N LYS B 230 24.21 16.40 -20.48
CA LYS B 230 25.14 15.32 -20.81
C LYS B 230 26.48 15.85 -21.28
N ASN B 231 26.48 16.98 -21.99
CA ASN B 231 27.73 17.58 -22.47
C ASN B 231 28.51 18.22 -21.33
N LYS B 232 27.81 18.94 -20.44
CA LYS B 232 28.47 19.48 -19.25
C LYS B 232 29.08 18.37 -18.42
N GLN B 233 28.38 17.23 -18.31
CA GLN B 233 28.90 16.10 -17.54
C GLN B 233 30.20 15.59 -18.15
N ASN B 234 30.23 15.39 -19.46
CA ASN B 234 31.46 14.96 -20.14
C ASN B 234 32.60 15.93 -19.83
N ASP B 235 32.36 17.22 -20.03
CA ASP B 235 33.37 18.24 -19.72
C ASP B 235 33.83 18.10 -18.26
N LEU B 236 32.87 18.14 -17.34
CA LEU B 236 33.21 18.16 -15.92
C LEU B 236 33.98 16.91 -15.49
N GLN B 237 33.78 15.80 -16.21
CA GLN B 237 34.49 14.57 -15.86
C GLN B 237 35.96 14.65 -16.23
N ALA B 238 36.27 15.30 -17.36
CA ALA B 238 37.67 15.50 -17.73
C ALA B 238 38.30 16.59 -16.89
N MET B 239 37.53 17.62 -16.53
CA MET B 239 38.04 18.68 -15.67
C MET B 239 38.41 18.14 -14.30
N HIS B 240 37.49 17.42 -13.67
CA HIS B 240 37.64 16.99 -12.29
C HIS B 240 38.16 15.56 -12.13
N HIS B 241 38.37 14.84 -13.24
CA HIS B 241 38.89 13.47 -13.18
C HIS B 241 38.02 12.59 -12.29
N LYS B 242 36.70 12.74 -12.41
CA LYS B 242 35.78 12.09 -11.49
C LYS B 242 34.53 11.64 -12.23
N TYR B 243 34.04 10.46 -11.89
CA TYR B 243 32.81 9.93 -12.46
C TYR B 243 31.63 10.30 -11.56
N VAL B 244 30.67 11.03 -12.12
CA VAL B 244 29.49 11.47 -11.38
C VAL B 244 28.24 11.21 -12.21
N PRO B 245 27.46 10.17 -11.89
CA PRO B 245 26.22 9.93 -12.66
C PRO B 245 25.21 11.03 -12.46
N ILE B 246 24.33 11.18 -13.45
CA ILE B 246 23.25 12.15 -13.40
C ILE B 246 21.93 11.41 -13.57
N ALA B 247 20.93 11.79 -12.77
CA ALA B 247 19.62 11.18 -12.81
C ALA B 247 18.55 12.26 -12.89
N VAL B 248 17.48 11.97 -13.62
CA VAL B 248 16.39 12.91 -13.85
C VAL B 248 15.19 12.48 -13.01
N LYS B 249 14.65 13.42 -12.24
CA LYS B 249 13.49 13.16 -11.40
C LYS B 249 12.24 13.59 -12.15
N ILE B 250 11.35 12.64 -12.42
CA ILE B 250 10.17 12.89 -13.22
C ILE B 250 8.94 13.00 -12.31
N ALA B 251 7.85 13.47 -12.88
CA ALA B 251 6.58 13.61 -12.17
C ALA B 251 5.73 12.35 -12.33
N PRO B 252 4.80 12.12 -11.41
CA PRO B 252 3.92 10.95 -11.51
C PRO B 252 2.70 11.17 -12.40
N ASP B 253 2.49 12.38 -12.90
CA ASP B 253 1.29 12.74 -13.64
C ASP B 253 1.50 12.72 -15.15
N LEU B 254 2.61 12.13 -15.58
CA LEU B 254 2.89 12.01 -17.02
C LEU B 254 1.87 11.06 -17.65
N SER B 255 1.49 11.32 -18.90
CA SER B 255 0.56 10.42 -19.63
C SER B 255 1.35 9.22 -20.12
N GLU B 256 0.66 8.18 -20.58
CA GLU B 256 1.37 7.01 -21.13
C GLU B 256 2.30 7.50 -22.22
N GLU B 257 1.77 8.19 -23.22
CA GLU B 257 2.60 8.67 -24.35
C GLU B 257 3.75 9.52 -23.80
N GLU B 258 3.45 10.44 -22.87
CA GLU B 258 4.51 11.30 -22.27
C GLU B 258 5.57 10.44 -21.60
N LEU B 259 5.20 9.36 -20.91
CA LEU B 259 6.18 8.52 -20.18
C LEU B 259 7.05 7.76 -21.18
N ILE B 260 6.45 7.31 -22.28
CA ILE B 260 7.21 6.57 -23.33
C ILE B 260 8.25 7.50 -23.93
N GLN B 261 7.87 8.76 -24.16
CA GLN B 261 8.79 9.73 -24.78
C GLN B 261 9.89 10.10 -23.78
N VAL B 262 9.54 10.27 -22.51
CA VAL B 262 10.54 10.58 -21.44
C VAL B 262 11.52 9.43 -21.40
N ALA B 263 11.01 8.20 -21.24
CA ALA B 263 11.88 7.04 -21.19
C ALA B 263 12.80 6.98 -22.40
N ASP B 264 12.22 7.12 -23.60
CA ASP B 264 13.03 7.09 -24.81
C ASP B 264 14.08 8.20 -24.80
N SER B 265 13.69 9.41 -24.38
CA SER B 265 14.63 10.51 -24.36
C SER B 265 15.80 10.24 -23.41
N LEU B 266 15.52 9.63 -22.26
CA LEU B 266 16.59 9.38 -21.29
C LEU B 266 17.58 8.35 -21.82
N VAL B 267 17.08 7.29 -22.45
CA VAL B 267 17.97 6.27 -23.01
C VAL B 267 18.81 6.87 -24.12
N ARG B 268 18.17 7.61 -25.02
CA ARG B 268 18.90 8.21 -26.15
C ARG B 268 20.05 9.08 -25.66
N HIS B 269 19.80 9.90 -24.64
CA HIS B 269 20.79 10.84 -24.13
C HIS B 269 21.71 10.21 -23.09
N ASN B 270 21.63 8.90 -22.91
CA ASN B 270 22.55 8.17 -22.02
C ASN B 270 22.55 8.75 -20.61
N ILE B 271 21.39 9.24 -20.15
CA ILE B 271 21.27 9.62 -18.75
C ILE B 271 21.44 8.39 -17.88
N ASP B 272 22.15 8.54 -16.76
CA ASP B 272 22.56 7.39 -15.97
C ASP B 272 21.44 6.81 -15.13
N GLY B 273 20.41 7.58 -14.82
CA GLY B 273 19.32 7.05 -14.02
C GLY B 273 18.15 8.01 -13.99
N VAL B 274 17.01 7.48 -13.51
CA VAL B 274 15.76 8.28 -13.39
C VAL B 274 15.19 8.10 -11.99
N ILE B 275 14.83 9.18 -11.32
CA ILE B 275 14.17 9.11 -9.99
C ILE B 275 12.67 9.29 -10.22
N ALA B 276 11.90 8.21 -10.04
CA ALA B 276 10.44 8.26 -10.23
C ALA B 276 9.78 7.80 -8.94
N THR B 277 9.06 8.69 -8.27
CA THR B 277 8.45 9.89 -8.90
C THR B 277 8.38 11.01 -7.88
N ASN B 278 8.03 12.20 -8.33
CA ASN B 278 7.86 13.35 -7.42
C ASN B 278 6.40 13.35 -6.93
N THR B 279 5.93 14.49 -6.46
CA THR B 279 4.57 14.62 -5.94
C THR B 279 3.59 14.77 -7.10
N THR B 280 2.30 14.63 -6.77
CA THR B 280 1.24 14.53 -7.76
C THR B 280 0.18 15.58 -7.52
N LEU B 281 -0.43 16.04 -8.61
CA LEU B 281 -1.58 16.94 -8.56
C LEU B 281 -2.89 16.19 -8.32
N ASP B 282 -2.86 14.86 -8.34
CA ASP B 282 -4.07 14.07 -8.12
C ASP B 282 -4.56 14.24 -6.70
N ARG B 283 -5.89 14.16 -6.54
CA ARG B 283 -6.51 14.20 -5.21
C ARG B 283 -7.64 13.19 -5.08
N SER B 284 -7.76 12.24 -6.01
CA SER B 284 -8.89 11.33 -6.01
C SER B 284 -8.97 10.48 -4.75
N LEU B 285 -7.86 10.26 -4.05
CA LEU B 285 -7.82 9.38 -2.89
C LEU B 285 -8.00 10.11 -1.58
N VAL B 286 -8.01 11.44 -1.57
CA VAL B 286 -8.09 12.23 -0.34
C VAL B 286 -9.35 13.08 -0.28
N GLN B 287 -10.31 12.84 -1.17
CA GLN B 287 -11.55 13.60 -1.16
C GLN B 287 -12.21 13.55 0.22
N GLY B 288 -12.72 14.70 0.65
CA GLY B 288 -13.42 14.79 1.91
C GLY B 288 -12.56 14.99 3.13
N MET B 289 -11.24 15.11 2.97
CA MET B 289 -10.32 15.30 4.07
C MET B 289 -9.82 16.74 4.11
N LYS B 290 -9.47 17.20 5.30
CA LYS B 290 -9.00 18.57 5.46
C LYS B 290 -7.77 18.83 4.61
N ASN B 291 -7.72 20.01 3.99
CA ASN B 291 -6.63 20.46 3.14
C ASN B 291 -6.57 19.71 1.81
N CYS B 292 -7.54 18.84 1.52
CA CYS B 292 -7.50 18.12 0.25
C CYS B 292 -7.57 19.06 -0.93
N ASP B 293 -8.22 20.22 -0.77
CA ASP B 293 -8.32 21.21 -1.83
C ASP B 293 -7.14 22.17 -1.87
N GLN B 294 -6.21 22.06 -0.92
CA GLN B 294 -5.02 22.89 -0.96
C GLN B 294 -4.26 22.67 -2.25
N THR B 295 -3.62 23.73 -2.74
CA THR B 295 -2.88 23.67 -3.99
C THR B 295 -1.46 23.18 -3.75
N GLY B 296 -0.98 22.35 -4.66
CA GLY B 296 0.39 21.88 -4.60
C GLY B 296 0.45 20.39 -4.89
N GLY B 297 1.59 19.79 -4.53
CA GLY B 297 1.81 18.38 -4.78
C GLY B 297 1.44 17.53 -3.57
N LEU B 298 0.90 16.35 -3.85
CA LEU B 298 0.51 15.40 -2.81
C LEU B 298 1.55 14.30 -2.71
N SER B 299 1.82 13.87 -1.47
CA SER B 299 2.83 12.86 -1.21
C SER B 299 2.33 11.93 -0.11
N GLY B 300 3.07 10.83 0.09
CA GLY B 300 2.71 9.87 1.12
C GLY B 300 1.79 8.77 0.62
N ARG B 301 1.04 8.18 1.53
CA ARG B 301 0.17 7.05 1.18
C ARG B 301 -0.71 7.31 -0.04
N PRO B 302 -1.33 8.49 -0.21
CA PRO B 302 -2.18 8.71 -1.38
C PRO B 302 -1.42 8.73 -2.71
N LEU B 303 -0.09 8.73 -2.68
CA LEU B 303 0.72 8.66 -3.89
C LEU B 303 1.37 7.30 -4.11
N GLN B 304 1.29 6.40 -3.13
CA GLN B 304 2.01 5.13 -3.22
C GLN B 304 1.63 4.36 -4.48
N LEU B 305 0.33 4.12 -4.69
CA LEU B 305 -0.09 3.28 -5.81
C LEU B 305 0.29 3.92 -7.15
N LYS B 306 -0.09 5.18 -7.34
CA LYS B 306 0.24 5.86 -8.60
C LYS B 306 1.74 5.81 -8.87
N SER B 307 2.56 6.04 -7.84
CA SER B 307 4.00 6.01 -8.02
C SER B 307 4.49 4.64 -8.46
N THR B 308 3.91 3.58 -7.89
CA THR B 308 4.32 2.23 -8.28
C THR B 308 3.92 1.92 -9.71
N GLU B 309 2.74 2.37 -10.14
CA GLU B 309 2.32 2.15 -11.52
C GLU B 309 3.24 2.87 -12.49
N ILE B 310 3.57 4.13 -12.21
CA ILE B 310 4.50 4.86 -13.05
C ILE B 310 5.81 4.09 -13.19
N ILE B 311 6.34 3.62 -12.06
CA ILE B 311 7.62 2.90 -12.09
C ILE B 311 7.50 1.65 -12.95
N ARG B 312 6.41 0.89 -12.78
CA ARG B 312 6.24 -0.34 -13.55
C ARG B 312 6.26 -0.07 -15.04
N ARG B 313 5.48 0.92 -15.49
CA ARG B 313 5.44 1.22 -16.93
C ARG B 313 6.76 1.81 -17.40
N LEU B 314 7.42 2.61 -16.57
CA LEU B 314 8.72 3.14 -16.94
C LEU B 314 9.74 2.02 -17.11
N SER B 315 9.80 1.10 -16.14
CA SER B 315 10.70 -0.04 -16.24
C SER B 315 10.43 -0.84 -17.50
N LEU B 316 9.16 -1.06 -17.84
CA LEU B 316 8.84 -1.78 -19.07
C LEU B 316 9.42 -1.06 -20.28
N GLU B 317 9.19 0.26 -20.36
CA GLU B 317 9.78 1.05 -21.44
C GLU B 317 11.30 0.98 -21.42
N LEU B 318 11.90 1.20 -20.25
CA LEU B 318 13.35 1.30 -20.17
C LEU B 318 14.04 -0.03 -20.46
N ASN B 319 13.39 -1.16 -20.15
CA ASN B 319 13.92 -2.49 -20.42
C ASN B 319 15.37 -2.61 -19.95
N GLY B 320 15.59 -2.27 -18.68
CA GLY B 320 16.89 -2.42 -18.06
C GLY B 320 18.02 -1.63 -18.67
N ARG B 321 17.73 -0.64 -19.51
CA ARG B 321 18.79 0.14 -20.13
C ARG B 321 19.33 1.24 -19.22
N LEU B 322 18.59 1.61 -18.18
CA LEU B 322 19.10 2.47 -17.12
C LEU B 322 18.24 2.25 -15.90
N PRO B 323 18.79 2.46 -14.70
CA PRO B 323 18.07 2.09 -13.47
C PRO B 323 17.09 3.15 -13.00
N ILE B 324 16.14 2.70 -12.20
CA ILE B 324 15.10 3.56 -11.62
C ILE B 324 15.33 3.65 -10.12
N ILE B 325 15.26 4.86 -9.59
CA ILE B 325 15.19 5.09 -8.15
C ILE B 325 13.71 5.31 -7.83
N GLY B 326 13.13 4.37 -7.08
CA GLY B 326 11.70 4.41 -6.80
C GLY B 326 11.40 5.21 -5.55
N VAL B 327 10.51 6.19 -5.69
CA VAL B 327 10.08 7.01 -4.57
C VAL B 327 8.61 7.36 -4.78
N GLY B 328 7.85 7.40 -3.68
CA GLY B 328 6.44 7.73 -3.75
C GLY B 328 5.59 6.90 -2.82
N GLY B 329 5.29 7.45 -1.64
CA GLY B 329 4.39 6.79 -0.71
C GLY B 329 4.93 5.53 -0.06
N ILE B 330 6.24 5.34 -0.05
CA ILE B 330 6.81 4.17 0.62
C ILE B 330 6.70 4.37 2.12
N ASP B 331 5.97 3.47 2.79
CA ASP B 331 5.81 3.54 4.23
C ASP B 331 5.90 2.17 4.90
N SER B 332 6.48 1.20 4.20
CA SER B 332 6.59 -0.18 4.73
C SER B 332 7.66 -0.94 3.95
N VAL B 333 8.07 -2.09 4.48
CA VAL B 333 9.03 -2.97 3.76
C VAL B 333 8.35 -3.48 2.50
N ILE B 334 7.08 -3.87 2.58
CA ILE B 334 6.40 -4.46 1.41
C ILE B 334 6.20 -3.35 0.37
N ALA B 335 5.88 -2.14 0.80
CA ALA B 335 5.74 -1.01 -0.13
C ALA B 335 7.07 -0.76 -0.85
N ALA B 336 8.17 -0.85 -0.11
CA ALA B 336 9.51 -0.69 -0.73
C ALA B 336 9.76 -1.85 -1.69
N ARG B 337 9.44 -3.07 -1.26
CA ARG B 337 9.61 -4.21 -2.15
C ARG B 337 8.68 -4.13 -3.35
N GLU B 338 7.50 -3.53 -3.19
CA GLU B 338 6.59 -3.36 -4.32
C GLU B 338 7.22 -2.47 -5.39
N LYS B 339 7.97 -1.45 -4.96
CA LYS B 339 8.67 -0.60 -5.93
C LYS B 339 9.85 -1.34 -6.54
N ILE B 340 10.58 -2.11 -5.73
CA ILE B 340 11.63 -2.97 -6.27
C ILE B 340 11.06 -3.90 -7.33
N ALA B 341 9.88 -4.48 -7.05
CA ALA B 341 9.28 -5.43 -7.99
C ALA B 341 8.79 -4.74 -9.26
N ALA B 342 8.45 -3.45 -9.16
CA ALA B 342 8.03 -2.70 -10.34
C ALA B 342 9.19 -2.34 -11.25
N GLY B 343 10.43 -2.43 -10.75
CA GLY B 343 11.59 -2.20 -11.59
C GLY B 343 12.68 -1.37 -10.94
N ALA B 344 12.38 -0.75 -9.81
CA ALA B 344 13.35 0.13 -9.16
C ALA B 344 14.51 -0.68 -8.58
N SER B 345 15.71 -0.09 -8.66
CA SER B 345 16.89 -0.64 -8.03
C SER B 345 17.19 -0.03 -6.67
N LEU B 346 16.73 1.20 -6.43
CA LEU B 346 16.87 1.87 -5.14
C LEU B 346 15.51 2.46 -4.78
N VAL B 347 15.37 2.86 -3.52
CA VAL B 347 14.14 3.47 -3.05
C VAL B 347 14.48 4.65 -2.14
N GLN B 348 13.60 5.65 -2.15
CA GLN B 348 13.72 6.81 -1.29
C GLN B 348 12.40 7.02 -0.55
N ILE B 349 12.50 7.59 0.65
CA ILE B 349 11.33 7.90 1.47
C ILE B 349 11.39 9.37 1.88
N TYR B 350 10.21 9.92 2.14
CA TYR B 350 10.09 11.26 2.70
C TYR B 350 8.89 11.31 3.62
N SER B 351 7.69 11.42 3.03
CA SER B 351 6.47 11.48 3.82
C SER B 351 6.39 10.31 4.79
N GLY B 352 6.82 9.11 4.36
CA GLY B 352 6.83 7.99 5.27
C GLY B 352 7.73 8.18 6.46
N PHE B 353 8.83 8.92 6.26
CA PHE B 353 9.73 9.22 7.36
C PHE B 353 9.05 10.09 8.42
N ILE B 354 8.16 10.98 7.99
CA ILE B 354 7.46 11.85 8.94
C ILE B 354 6.41 11.07 9.72
N PHE B 355 5.67 10.19 9.04
CA PHE B 355 4.53 9.52 9.63
C PHE B 355 4.91 8.24 10.37
N LYS B 356 5.99 7.57 9.94
CA LYS B 356 6.46 6.37 10.62
C LYS B 356 7.73 6.58 11.43
N GLY B 357 8.52 7.62 11.13
CA GLY B 357 9.68 7.95 11.91
C GLY B 357 10.91 7.13 11.57
N PRO B 358 11.96 7.28 12.37
CA PRO B 358 13.23 6.58 12.11
C PRO B 358 13.05 5.07 12.05
N PRO B 359 12.14 4.49 12.82
CA PRO B 359 11.94 3.03 12.73
C PRO B 359 11.77 2.53 11.30
N LEU B 360 11.19 3.34 10.42
CA LEU B 360 11.01 2.92 9.03
C LEU B 360 12.35 2.67 8.34
N ILE B 361 13.35 3.49 8.66
CA ILE B 361 14.68 3.29 8.09
C ILE B 361 15.21 1.91 8.48
N LYS B 362 15.21 1.62 9.78
CA LYS B 362 15.65 0.31 10.26
C LYS B 362 14.86 -0.81 9.60
N GLU B 363 13.53 -0.66 9.56
CA GLU B 363 12.68 -1.69 8.96
C GLU B 363 13.07 -1.94 7.50
N ILE B 364 13.16 -0.89 6.70
CA ILE B 364 13.33 -1.06 5.26
C ILE B 364 14.73 -1.58 4.94
N VAL B 365 15.76 -0.95 5.50
CA VAL B 365 17.12 -1.44 5.26
C VAL B 365 17.25 -2.89 5.69
N THR B 366 16.66 -3.25 6.82
CA THR B 366 16.89 -4.57 7.40
C THR B 366 16.23 -5.66 6.56
N HIS B 367 15.02 -5.43 6.05
CA HIS B 367 14.22 -6.48 5.45
C HIS B 367 14.00 -6.33 3.96
N ILE B 368 14.32 -5.18 3.37
CA ILE B 368 14.10 -5.00 1.94
C ILE B 368 14.85 -6.06 1.14
O1 PE4 C . 0.33 -8.41 35.44
C1 PE4 C . -0.98 -8.41 35.01
C2 PE4 C . -1.48 -9.85 34.85
O2 PE4 C . -2.43 -9.90 33.83
C3 PE4 C . -2.46 -11.09 33.09
C4 PE4 C . -2.37 -10.72 31.60
O3 PE4 C . -3.28 -11.47 30.84
C5 PE4 C . -3.23 -11.17 29.47
C6 PE4 C . -4.44 -10.33 29.03
O4 PE4 C . -4.10 -9.70 27.83
C7 PE4 C . -4.72 -8.46 27.60
C8 PE4 C . -6.22 -8.67 27.30
O5 PE4 C . -6.91 -9.01 28.48
C9 PE4 C . -8.03 -8.19 28.72
C10 PE4 C . -9.24 -9.09 29.00
O6 PE4 C . -10.37 -8.31 29.28
C11 PE4 C . -11.59 -8.98 29.07
C12 PE4 C . -11.83 -9.90 30.28
O7 PE4 C . -12.81 -9.35 31.14
C13 PE4 C . -13.16 -10.17 32.22
C14 PE4 C . -14.69 -10.21 32.34
O8 PE4 C . -15.14 -11.49 32.68
C15 PE4 C . -16.50 -11.70 32.40
C16 PE4 C . -17.05 -12.83 33.28
HO1 PE4 C . 0.83 -8.96 34.85
H11 PE4 C . -1.05 -7.90 34.05
H12 PE4 C . -1.61 -7.90 35.73
H21 PE4 C . -1.92 -10.19 35.78
H22 PE4 C . -0.64 -10.50 34.59
H31 PE4 C . -3.39 -11.62 33.28
H32 PE4 C . -1.62 -11.71 33.37
H41 PE4 C . -1.36 -10.93 31.24
H42 PE4 C . -2.58 -9.66 31.48
H51 PE4 C . -3.22 -12.11 28.91
H52 PE4 C . -2.31 -10.63 29.26
H61 PE4 C . -4.66 -9.58 29.79
H62 PE4 C . -5.29 -10.97 28.89
H71 PE4 C . -4.25 -7.97 26.76
H72 PE4 C . -4.62 -7.85 28.49
H81 PE4 C . -6.32 -9.47 26.58
H82 PE4 C . -6.63 -7.75 26.90
H91 PE4 C . -8.22 -7.58 27.86
H92 PE4 C . -7.84 -7.57 29.58
H101 PE4 C . -9.44 -9.71 28.13
H102 PE4 C . -9.03 -9.72 29.85
H111 PE4 C . -11.54 -9.58 28.17
H112 PE4 C . -12.39 -8.26 28.98
H121 PE4 C . -10.91 -10.03 30.83
H122 PE4 C . -12.19 -10.87 29.93
H131 PE4 C . -12.72 -9.79 33.13
H132 PE4 C . -12.79 -11.18 32.04
H141 PE4 C . -15.13 -9.91 31.40
H142 PE4 C . -14.99 -9.51 33.11
H151 PE4 C . -16.62 -11.97 31.35
H152 PE4 C . -17.05 -10.78 32.59
H161 PE4 C . -16.67 -12.72 34.29
H162 PE4 C . -16.74 -13.79 32.88
H163 PE4 C . -18.14 -12.78 33.30
N1 ORO D . -10.05 -21.26 3.26
C2 ORO D . -10.18 -20.28 2.32
O2 ORO D . -11.20 -20.12 1.67
N3 ORO D . -9.07 -19.49 2.15
C4 ORO D . -7.88 -19.60 2.85
O4 ORO D . -6.94 -18.81 2.60
C5 ORO D . -7.83 -20.65 3.81
C6 ORO D . -8.91 -21.44 4.00
C7 ORO D . -8.92 -22.56 4.97
O71 ORO D . -7.98 -23.44 4.76
O72 ORO D . -9.75 -22.64 5.89
CAI RLM E . -5.60 -12.55 17.43
CAN RLM E . -4.24 -12.57 17.23
CLC RLM E . -3.16 -11.76 18.38
CAP RLM E . -3.69 -13.23 16.07
OAA RLM E . -2.31 -13.25 15.86
CAO RLM E . -4.58 -13.90 15.13
CLD RLM E . -3.88 -14.71 13.72
CAJ RLM E . -5.95 -13.88 15.35
CAQ RLM E . -6.50 -13.19 16.51
NAK RLM E . -7.94 -13.20 16.72
CAM RLM E . -8.79 -12.10 17.11
CAG RLM E . -8.36 -10.64 17.09
CAE RLM E . -9.18 -9.68 17.46
CAL RLM E . -10.57 -10.05 17.93
OAB RLM E . -11.44 -9.03 18.33
CAF RLM E . -10.96 -11.30 17.96
CAH RLM E . -10.01 -12.39 17.53
N1 FMN F . -11.70 -16.81 3.52
C2 FMN F . -12.86 -17.54 3.36
O2 FMN F . -13.61 -17.29 2.40
N3 FMN F . -13.19 -18.53 4.24
C4 FMN F . -12.36 -18.81 5.30
O4 FMN F . -12.65 -19.71 6.10
C4A FMN F . -11.20 -18.08 5.47
N5 FMN F . -10.39 -18.37 6.54
C5A FMN F . -9.22 -17.66 6.73
C6 FMN F . -8.43 -17.98 7.82
C7 FMN F . -7.26 -17.28 8.04
C7M FMN F . -6.43 -17.66 9.23
C8 FMN F . -6.87 -16.27 7.17
C8M FMN F . -5.59 -15.53 7.44
C9 FMN F . -7.68 -15.94 6.07
C9A FMN F . -8.86 -16.64 5.85
N10 FMN F . -9.69 -16.35 4.76
C10 FMN F . -10.86 -17.07 4.58
C1' FMN F . -9.34 -15.26 3.77
C2' FMN F . -9.76 -13.90 4.28
O2' FMN F . -11.16 -13.86 4.46
C3' FMN F . -9.36 -12.76 3.33
O3' FMN F . -10.14 -12.80 2.16
C4' FMN F . -7.88 -12.83 2.95
O4' FMN F . -7.11 -13.18 4.07
C5' FMN F . -7.37 -11.51 2.39
O5' FMN F . -7.82 -10.46 3.22
P FMN F . -6.81 -9.77 4.26
O1P FMN F . -6.54 -10.75 5.38
O2P FMN F . -5.51 -9.45 3.56
O3P FMN F . -7.42 -8.50 4.83
C1 GOL G . 22.10 1.74 -22.35
O1 GOL G . 23.19 0.99 -22.85
C2 GOL G . 21.65 2.69 -23.49
O2 GOL G . 22.70 3.51 -23.85
C3 GOL G . 21.15 1.82 -24.61
O3 GOL G . 21.93 2.14 -25.73
H11 GOL G . 22.32 2.26 -21.57
H12 GOL G . 21.35 1.18 -22.09
HO1 GOL G . 22.93 0.18 -22.91
H2 GOL G . 20.92 3.27 -23.21
HO2 GOL G . 22.87 3.97 -23.16
H31 GOL G . 20.20 1.97 -24.74
H32 GOL G . 21.22 0.88 -24.35
HO3 GOL G . 22.01 2.99 -25.71
N1 ORO H . 9.73 21.05 -5.12
C2 ORO H . 9.68 19.88 -5.77
O2 ORO H . 10.57 19.50 -6.55
N3 ORO H . 8.56 19.14 -5.55
C4 ORO H . 7.50 19.46 -4.71
O4 ORO H . 6.55 18.67 -4.60
C5 ORO H . 7.63 20.69 -4.05
C6 ORO H . 8.72 21.46 -4.29
C7 ORO H . 8.94 22.74 -3.68
O71 ORO H . 8.21 23.69 -3.98
O72 ORO H . 9.97 22.79 -2.93
CAI RLM I . 7.70 17.61 8.66
CAN RLM I . 6.36 17.55 8.92
CLC RLM I . 5.20 17.84 7.62
CAP RLM I . 5.89 17.26 10.27
OAA RLM I . 4.52 17.20 10.54
CAO RLM I . 6.88 17.02 11.32
CLD RLM I . 6.39 16.65 12.99
CAJ RLM I . 8.23 17.09 11.05
CAQ RLM I . 8.66 17.38 9.69
NAK RLM I . 10.05 17.45 9.35
CAM RLM I . 11.06 16.53 9.86
CAG RLM I . 12.48 17.06 10.01
CAE RLM I . 13.43 16.30 10.48
CAL RLM I . 13.13 14.86 10.88
OAB RLM I . 14.15 14.06 11.38
CAF RLM I . 11.91 14.39 10.75
CAH RLM I . 10.81 15.27 10.21
N1 FMN J . 11.57 16.79 -4.35
C2 FMN J . 12.65 17.38 -4.98
O2 FMN J . 13.14 16.86 -5.98
N3 FMN J . 13.18 18.55 -4.49
C4 FMN J . 12.63 19.14 -3.36
O4 FMN J . 13.11 20.18 -2.92
C4A FMN J . 11.54 18.55 -2.74
N5 FMN J . 10.98 19.13 -1.62
C5A FMN J . 9.90 18.54 -1.00
C6 FMN J . 9.34 19.13 0.13
C7 FMN J . 8.26 18.55 0.77
C7M FMN J . 7.67 19.21 1.98
C8 FMN J . 7.72 17.37 0.27
C8M FMN J . 6.54 16.72 0.94
C9 FMN J . 8.28 16.78 -0.86
C9A FMN J . 9.37 17.35 -1.50
N10 FMN J . 9.92 16.77 -2.62
C10 FMN J . 11.01 17.36 -3.24
C1' FMN J . 9.37 15.49 -3.19
C2' FMN J . 9.79 14.29 -2.36
O2' FMN J . 11.19 14.26 -2.24
C3' FMN J . 9.34 12.96 -2.93
O3' FMN J . 9.81 12.78 -4.25
C4' FMN J . 7.81 12.85 -2.97
O4' FMN J . 7.26 13.51 -1.85
C5' FMN J . 7.34 11.40 -2.95
O5' FMN J . 7.96 10.78 -1.84
P FMN J . 7.11 10.35 -0.54
O1P FMN J . 7.75 9.14 0.09
O2P FMN J . 5.70 10.03 -0.93
O3P FMN J . 7.12 11.50 0.45
#